data_1NZP
#
_entry.id   1NZP
#
_entity_poly.entity_id   1
_entity_poly.type   'polypeptide(L)'
_entity_poly.pdbx_seq_one_letter_code
;MAQPSSQKATNHNLHITEKLEVLAKAYSVQGDKWRALGYAKAINALKSFHKPVTSYQEACSIPGIGKRMAEKIIEILESG
HLRKLDH
;
_entity_poly.pdbx_strand_id   A
#
# COMPACT_ATOMS: atom_id res chain seq x y z
N ALA A 2 -10.38 2.43 21.17
CA ALA A 2 -11.14 2.89 20.01
C ALA A 2 -11.94 4.14 20.34
N GLN A 3 -11.31 5.30 20.17
CA GLN A 3 -11.97 6.57 20.46
C GLN A 3 -12.70 7.11 19.22
N PRO A 4 -12.02 7.21 18.06
CA PRO A 4 -12.64 7.71 16.83
C PRO A 4 -13.50 6.65 16.15
N SER A 5 -13.15 6.31 14.90
CA SER A 5 -13.89 5.30 14.14
C SER A 5 -15.36 5.71 13.98
N SER A 6 -15.65 6.45 12.93
CA SER A 6 -17.01 6.90 12.65
C SER A 6 -17.51 6.34 11.33
N GLN A 7 -18.75 5.87 11.31
CA GLN A 7 -19.34 5.30 10.11
C GLN A 7 -19.91 6.40 9.21
N LYS A 8 -19.05 7.31 8.77
CA LYS A 8 -19.46 8.41 7.92
C LYS A 8 -18.56 8.51 6.69
N ALA A 9 -18.59 9.66 6.03
CA ALA A 9 -17.78 9.89 4.84
C ALA A 9 -16.30 9.98 5.19
N THR A 10 -15.57 8.89 4.95
CA THR A 10 -14.15 8.83 5.24
C THR A 10 -13.50 7.60 4.60
N ASN A 11 -12.17 7.53 4.63
CA ASN A 11 -11.44 6.41 4.06
C ASN A 11 -11.87 5.10 4.70
N HIS A 12 -11.35 3.99 4.16
CA HIS A 12 -11.69 2.66 4.69
C HIS A 12 -10.45 1.85 5.00
N ASN A 13 -9.31 2.20 4.40
CA ASN A 13 -8.06 1.47 4.62
C ASN A 13 -7.18 2.20 5.62
N LEU A 14 -6.43 3.19 5.14
CA LEU A 14 -5.54 3.97 5.96
C LEU A 14 -4.47 3.12 6.65
N HIS A 15 -4.54 1.80 6.44
CA HIS A 15 -3.58 0.88 7.04
C HIS A 15 -2.41 0.63 6.10
N ILE A 16 -2.72 0.19 4.89
CA ILE A 16 -1.69 -0.09 3.89
C ILE A 16 -0.96 1.19 3.47
N THR A 17 -1.66 2.31 3.54
CA THR A 17 -1.08 3.60 3.17
C THR A 17 -0.07 4.06 4.22
N GLU A 18 -0.50 4.06 5.48
CA GLU A 18 0.35 4.48 6.58
C GLU A 18 1.59 3.59 6.68
N LYS A 19 1.44 2.32 6.33
CA LYS A 19 2.53 1.37 6.37
C LYS A 19 3.44 1.56 5.16
N LEU A 20 2.85 1.76 3.99
CA LEU A 20 3.64 1.96 2.78
C LEU A 20 4.61 3.12 3.00
N GLU A 21 4.27 3.97 3.96
CA GLU A 21 5.09 5.11 4.30
C GLU A 21 6.21 4.70 5.27
N VAL A 22 5.87 3.82 6.22
CA VAL A 22 6.83 3.34 7.19
C VAL A 22 8.04 2.71 6.50
N LEU A 23 7.77 1.85 5.55
CA LEU A 23 8.81 1.17 4.79
C LEU A 23 9.54 2.16 3.89
N ALA A 24 8.79 3.10 3.33
CA ALA A 24 9.36 4.12 2.46
C ALA A 24 10.42 4.93 3.21
N LYS A 25 10.17 5.18 4.48
CA LYS A 25 11.10 5.92 5.31
C LYS A 25 12.36 5.10 5.58
N ALA A 26 12.18 3.78 5.67
CA ALA A 26 13.29 2.87 5.91
C ALA A 26 14.32 2.95 4.79
N TYR A 27 13.83 2.94 3.55
CA TYR A 27 14.71 3.02 2.39
C TYR A 27 15.38 4.38 2.32
N SER A 28 14.61 5.43 2.54
CA SER A 28 15.13 6.80 2.51
C SER A 28 16.32 6.94 3.46
N VAL A 29 16.27 6.23 4.58
CA VAL A 29 17.34 6.27 5.57
C VAL A 29 18.55 5.47 5.08
N GLN A 30 18.29 4.32 4.47
CA GLN A 30 19.35 3.45 3.97
C GLN A 30 20.04 4.09 2.77
N GLY A 31 19.41 5.12 2.20
CA GLY A 31 19.97 5.80 1.05
C GLY A 31 19.48 5.22 -0.26
N ASP A 32 18.19 4.87 -0.30
CA ASP A 32 17.60 4.31 -1.50
C ASP A 32 16.73 5.34 -2.21
N LYS A 33 17.35 6.14 -3.06
CA LYS A 33 16.64 7.18 -3.80
C LYS A 33 15.68 6.56 -4.81
N TRP A 34 16.12 5.49 -5.46
CA TRP A 34 15.29 4.81 -6.46
C TRP A 34 14.12 4.09 -5.79
N ARG A 35 14.44 3.24 -4.82
CA ARG A 35 13.42 2.47 -4.12
C ARG A 35 12.37 3.38 -3.48
N ALA A 36 12.84 4.35 -2.70
CA ALA A 36 11.95 5.28 -2.03
C ALA A 36 11.13 6.10 -3.04
N LEU A 37 11.65 6.20 -4.26
CA LEU A 37 10.97 6.95 -5.31
C LEU A 37 9.73 6.20 -5.81
N GLY A 38 9.89 4.91 -6.07
CA GLY A 38 8.78 4.10 -6.53
C GLY A 38 7.77 3.82 -5.44
N TYR A 39 8.27 3.69 -4.21
CA TYR A 39 7.41 3.41 -3.07
C TYR A 39 6.53 4.62 -2.74
N ALA A 40 7.17 5.76 -2.52
CA ALA A 40 6.44 6.99 -2.22
C ALA A 40 5.47 7.34 -3.34
N LYS A 41 5.88 7.05 -4.57
CA LYS A 41 5.04 7.32 -5.73
C LYS A 41 3.73 6.55 -5.63
N ALA A 42 3.83 5.30 -5.19
CA ALA A 42 2.66 4.45 -5.02
C ALA A 42 1.74 5.02 -3.95
N ILE A 43 2.35 5.54 -2.88
CA ILE A 43 1.60 6.13 -1.79
C ILE A 43 0.83 7.36 -2.27
N ASN A 44 1.42 8.08 -3.22
CA ASN A 44 0.81 9.27 -3.77
C ASN A 44 -0.47 8.91 -4.51
N ALA A 45 -0.47 7.73 -5.12
CA ALA A 45 -1.63 7.25 -5.86
C ALA A 45 -2.77 6.91 -4.91
N LEU A 46 -2.42 6.28 -3.78
CA LEU A 46 -3.40 5.90 -2.78
C LEU A 46 -3.89 7.13 -2.03
N LYS A 47 -3.12 8.20 -2.11
CA LYS A 47 -3.47 9.45 -1.43
C LYS A 47 -4.74 10.04 -2.02
N SER A 48 -5.11 9.57 -3.21
CA SER A 48 -6.32 10.03 -3.89
C SER A 48 -7.34 8.92 -4.00
N PHE A 49 -6.93 7.71 -3.64
CA PHE A 49 -7.81 6.54 -3.71
C PHE A 49 -8.88 6.60 -2.62
N HIS A 50 -10.14 6.57 -3.02
CA HIS A 50 -11.26 6.63 -2.08
C HIS A 50 -11.72 5.23 -1.71
N LYS A 51 -12.00 4.40 -2.71
CA LYS A 51 -12.44 3.04 -2.48
C LYS A 51 -11.30 2.16 -1.96
N PRO A 52 -11.62 1.15 -1.13
CA PRO A 52 -10.62 0.25 -0.57
C PRO A 52 -9.95 -0.63 -1.63
N VAL A 53 -9.12 -1.56 -1.19
CA VAL A 53 -8.42 -2.46 -2.09
C VAL A 53 -8.88 -3.91 -1.89
N THR A 54 -8.78 -4.71 -2.95
CA THR A 54 -9.19 -6.11 -2.88
C THR A 54 -8.20 -7.02 -3.61
N SER A 55 -7.72 -6.57 -4.76
CA SER A 55 -6.78 -7.34 -5.56
C SER A 55 -5.63 -6.47 -6.06
N TYR A 56 -4.58 -7.13 -6.53
CA TYR A 56 -3.40 -6.44 -7.04
C TYR A 56 -3.72 -5.69 -8.34
N GLN A 57 -4.56 -6.29 -9.18
CA GLN A 57 -4.94 -5.68 -10.45
C GLN A 57 -5.75 -4.41 -10.20
N GLU A 58 -6.63 -4.46 -9.22
CA GLU A 58 -7.47 -3.31 -8.87
C GLU A 58 -6.61 -2.16 -8.36
N ALA A 59 -5.47 -2.50 -7.75
CA ALA A 59 -4.56 -1.51 -7.21
C ALA A 59 -3.69 -0.92 -8.31
N CYS A 60 -3.31 -1.75 -9.27
CA CYS A 60 -2.47 -1.31 -10.38
C CYS A 60 -3.25 -0.39 -11.32
N SER A 61 -4.58 -0.45 -11.23
CA SER A 61 -5.44 0.38 -12.06
C SER A 61 -5.29 1.85 -11.71
N ILE A 62 -4.69 2.13 -10.56
CA ILE A 62 -4.48 3.50 -10.11
C ILE A 62 -3.18 4.07 -10.67
N PRO A 63 -3.24 5.24 -11.35
CA PRO A 63 -2.06 5.88 -11.93
C PRO A 63 -0.99 6.17 -10.88
N GLY A 64 0.26 5.92 -11.23
CA GLY A 64 1.36 6.17 -10.31
C GLY A 64 1.92 4.89 -9.72
N ILE A 65 1.28 3.77 -10.00
CA ILE A 65 1.71 2.48 -9.50
C ILE A 65 2.05 1.55 -10.67
N GLY A 66 2.28 0.28 -10.36
CA GLY A 66 2.62 -0.69 -11.39
C GLY A 66 2.27 -2.12 -11.01
N LYS A 67 2.88 -3.07 -11.70
CA LYS A 67 2.63 -4.49 -11.42
C LYS A 67 3.38 -4.94 -10.17
N ARG A 68 4.67 -4.66 -10.13
CA ARG A 68 5.51 -5.04 -8.99
C ARG A 68 4.96 -4.45 -7.70
N MET A 69 4.49 -3.21 -7.77
CA MET A 69 3.94 -2.54 -6.60
C MET A 69 2.58 -3.11 -6.24
N ALA A 70 1.81 -3.47 -7.27
CA ALA A 70 0.49 -4.04 -7.07
C ALA A 70 0.55 -5.26 -6.16
N GLU A 71 1.36 -6.23 -6.54
CA GLU A 71 1.51 -7.45 -5.75
C GLU A 71 2.13 -7.12 -4.39
N LYS A 72 2.90 -6.03 -4.36
CA LYS A 72 3.55 -5.59 -3.12
C LYS A 72 2.49 -5.23 -2.09
N ILE A 73 1.46 -4.52 -2.54
CA ILE A 73 0.37 -4.10 -1.67
C ILE A 73 -0.36 -5.32 -1.10
N ILE A 74 -0.65 -6.28 -1.97
CA ILE A 74 -1.34 -7.50 -1.57
C ILE A 74 -0.52 -8.27 -0.54
N GLU A 75 0.80 -8.23 -0.70
CA GLU A 75 1.70 -8.92 0.20
C GLU A 75 1.58 -8.37 1.62
N ILE A 76 1.44 -7.04 1.72
CA ILE A 76 1.29 -6.39 3.01
C ILE A 76 -0.04 -6.77 3.65
N LEU A 77 -1.00 -7.14 2.82
CA LEU A 77 -2.32 -7.54 3.30
C LEU A 77 -2.31 -9.00 3.72
N GLU A 78 -1.28 -9.72 3.29
CA GLU A 78 -1.14 -11.14 3.61
C GLU A 78 -0.23 -11.33 4.82
N SER A 79 -0.01 -10.23 5.54
CA SER A 79 0.84 -10.25 6.74
C SER A 79 2.28 -10.62 6.39
N GLY A 80 2.59 -10.59 5.10
CA GLY A 80 3.93 -10.92 4.65
C GLY A 80 4.01 -12.29 4.01
N HIS A 81 3.54 -13.31 4.72
CA HIS A 81 3.56 -14.68 4.22
C HIS A 81 2.36 -15.45 4.73
N LEU A 82 2.41 -15.83 6.01
CA LEU A 82 1.33 -16.58 6.64
C LEU A 82 0.90 -15.93 7.95
N ARG A 83 1.75 -16.04 8.96
CA ARG A 83 1.47 -15.46 10.27
C ARG A 83 2.22 -14.15 10.45
N LYS A 84 1.72 -13.31 11.35
CA LYS A 84 2.35 -12.02 11.62
C LYS A 84 3.45 -12.15 12.67
N LEU A 85 4.48 -11.32 12.53
CA LEU A 85 5.60 -11.35 13.48
C LEU A 85 5.82 -9.98 14.09
N ASP A 86 6.34 -9.96 15.31
CA ASP A 86 6.61 -8.70 16.01
C ASP A 86 8.09 -8.35 15.98
N HIS A 87 8.47 -7.52 15.00
CA HIS A 87 9.85 -7.10 14.85
C HIS A 87 10.30 -6.26 16.04
N ALA A 2 2.91 9.94 27.76
CA ALA A 2 2.47 9.65 26.40
C ALA A 2 1.90 8.24 26.29
N GLN A 3 1.53 7.86 25.08
CA GLN A 3 0.97 6.53 24.84
C GLN A 3 1.80 5.76 23.81
N PRO A 4 2.32 4.58 24.19
CA PRO A 4 3.14 3.75 23.30
C PRO A 4 2.39 3.32 22.05
N SER A 5 1.15 2.86 22.24
CA SER A 5 0.33 2.40 21.12
C SER A 5 -1.16 2.52 21.44
N SER A 6 -1.83 3.48 20.82
CA SER A 6 -3.25 3.69 21.03
C SER A 6 -3.82 4.65 20.00
N GLN A 7 -3.04 4.96 18.98
CA GLN A 7 -3.46 5.87 17.93
C GLN A 7 -3.66 5.12 16.60
N LYS A 8 -4.92 4.89 16.25
CA LYS A 8 -5.25 4.19 15.02
C LYS A 8 -6.07 5.08 14.08
N ALA A 9 -5.51 5.41 12.94
CA ALA A 9 -6.18 6.26 11.96
C ALA A 9 -7.51 5.65 11.53
N THR A 10 -8.44 6.51 11.13
CA THR A 10 -9.76 6.06 10.70
C THR A 10 -9.78 5.75 9.21
N ASN A 11 -9.08 4.68 8.83
CA ASN A 11 -9.02 4.27 7.43
C ASN A 11 -9.73 2.94 7.22
N HIS A 12 -10.53 2.87 6.15
CA HIS A 12 -11.26 1.66 5.83
C HIS A 12 -10.31 0.52 5.46
N ASN A 13 -9.38 0.82 4.56
CA ASN A 13 -8.40 -0.17 4.11
C ASN A 13 -7.16 0.52 3.53
N LEU A 14 -6.63 1.48 4.26
CA LEU A 14 -5.46 2.22 3.82
C LEU A 14 -4.26 1.98 4.74
N HIS A 15 -4.28 0.84 5.44
CA HIS A 15 -3.19 0.49 6.34
C HIS A 15 -1.94 0.09 5.55
N ILE A 16 -2.14 -0.30 4.30
CA ILE A 16 -1.03 -0.70 3.44
C ILE A 16 -0.16 0.51 3.11
N THR A 17 -0.80 1.63 2.77
CA THR A 17 -0.09 2.85 2.44
C THR A 17 0.89 3.21 3.55
N GLU A 18 0.53 2.86 4.78
CA GLU A 18 1.38 3.13 5.93
C GLU A 18 2.66 2.32 5.84
N LYS A 19 2.51 1.01 5.65
CA LYS A 19 3.65 0.11 5.53
C LYS A 19 4.54 0.50 4.35
N LEU A 20 3.95 1.20 3.38
CA LEU A 20 4.68 1.65 2.20
C LEU A 20 5.45 2.93 2.51
N GLU A 21 5.03 3.62 3.56
CA GLU A 21 5.67 4.86 3.96
C GLU A 21 6.87 4.57 4.86
N VAL A 22 6.74 3.53 5.67
CA VAL A 22 7.79 3.13 6.58
C VAL A 22 8.97 2.52 5.82
N LEU A 23 8.67 1.81 4.73
CA LEU A 23 9.71 1.20 3.92
C LEU A 23 10.47 2.23 3.11
N ALA A 24 9.75 3.22 2.58
CA ALA A 24 10.35 4.28 1.79
C ALA A 24 11.09 5.27 2.68
N LYS A 25 10.60 5.46 3.90
CA LYS A 25 11.22 6.38 4.84
C LYS A 25 12.57 5.87 5.31
N ALA A 26 12.59 4.61 5.77
CA ALA A 26 13.82 4.01 6.26
C ALA A 26 14.93 4.09 5.21
N TYR A 27 14.57 3.78 3.96
CA TYR A 27 15.53 3.83 2.87
C TYR A 27 15.96 5.25 2.58
N SER A 28 15.08 6.21 2.88
CA SER A 28 15.38 7.61 2.66
C SER A 28 16.36 8.13 3.70
N VAL A 29 16.34 7.53 4.89
CA VAL A 29 17.23 7.92 5.97
C VAL A 29 18.55 7.16 5.89
N GLN A 30 18.50 5.95 5.33
CA GLN A 30 19.69 5.13 5.20
C GLN A 30 20.56 5.60 4.04
N GLY A 31 19.96 6.35 3.13
CA GLY A 31 20.70 6.86 1.98
C GLY A 31 20.05 6.48 0.66
N ASP A 32 19.32 5.36 0.67
CA ASP A 32 18.65 4.88 -0.52
C ASP A 32 17.54 5.84 -0.96
N LYS A 33 17.90 6.85 -1.75
CA LYS A 33 16.95 7.84 -2.22
C LYS A 33 16.22 7.36 -3.46
N TRP A 34 16.96 6.79 -4.40
CA TRP A 34 16.38 6.29 -5.64
C TRP A 34 15.24 5.32 -5.37
N ARG A 35 15.52 4.29 -4.57
CA ARG A 35 14.54 3.29 -4.23
C ARG A 35 13.39 3.88 -3.41
N ALA A 36 13.74 4.70 -2.43
CA ALA A 36 12.74 5.34 -1.57
C ALA A 36 11.78 6.20 -2.40
N LEU A 37 12.26 6.69 -3.53
CA LEU A 37 11.44 7.52 -4.41
C LEU A 37 10.36 6.68 -5.10
N GLY A 38 10.75 5.50 -5.56
CA GLY A 38 9.80 4.63 -6.23
C GLY A 38 8.65 4.20 -5.33
N TYR A 39 8.99 3.85 -4.09
CA TYR A 39 7.99 3.42 -3.12
C TYR A 39 7.04 4.57 -2.79
N ALA A 40 7.60 5.74 -2.52
CA ALA A 40 6.80 6.92 -2.18
C ALA A 40 5.84 7.25 -3.31
N LYS A 41 6.26 7.01 -4.54
CA LYS A 41 5.43 7.28 -5.71
C LYS A 41 4.17 6.43 -5.66
N ALA A 42 4.32 5.18 -5.23
CA ALA A 42 3.19 4.26 -5.12
C ALA A 42 2.21 4.74 -4.07
N ILE A 43 2.74 5.28 -2.97
CA ILE A 43 1.90 5.79 -1.89
C ILE A 43 1.10 7.00 -2.35
N ASN A 44 1.68 7.78 -3.26
CA ASN A 44 1.02 8.96 -3.79
C ASN A 44 -0.23 8.57 -4.57
N ALA A 45 -0.15 7.44 -5.27
CA ALA A 45 -1.28 6.95 -6.06
C ALA A 45 -2.40 6.47 -5.14
N LEU A 46 -2.03 5.64 -4.16
CA LEU A 46 -2.99 5.12 -3.20
C LEU A 46 -3.54 6.23 -2.33
N LYS A 47 -2.83 7.35 -2.30
CA LYS A 47 -3.23 8.51 -1.51
C LYS A 47 -4.55 9.09 -2.02
N SER A 48 -4.93 8.70 -3.23
CA SER A 48 -6.17 9.17 -3.83
C SER A 48 -7.30 8.15 -3.65
N PHE A 49 -6.95 6.87 -3.67
CA PHE A 49 -7.92 5.81 -3.51
C PHE A 49 -8.69 5.97 -2.20
N HIS A 50 -9.97 6.30 -2.32
CA HIS A 50 -10.81 6.49 -1.14
C HIS A 50 -11.61 5.22 -0.82
N LYS A 51 -11.98 4.48 -1.87
CA LYS A 51 -12.74 3.26 -1.69
C LYS A 51 -11.84 2.11 -1.25
N PRO A 52 -12.33 1.24 -0.34
CA PRO A 52 -11.55 0.10 0.17
C PRO A 52 -11.11 -0.84 -0.95
N VAL A 53 -9.84 -1.28 -0.87
CA VAL A 53 -9.28 -2.19 -1.86
C VAL A 53 -9.50 -3.63 -1.43
N THR A 54 -9.55 -4.55 -2.41
CA THR A 54 -9.77 -5.96 -2.11
C THR A 54 -8.84 -6.86 -2.93
N SER A 55 -8.52 -6.44 -4.14
CA SER A 55 -7.66 -7.23 -5.01
C SER A 55 -6.54 -6.38 -5.62
N TYR A 56 -5.54 -7.05 -6.18
CA TYR A 56 -4.40 -6.39 -6.80
C TYR A 56 -4.82 -5.61 -8.04
N GLN A 57 -5.81 -6.14 -8.76
CA GLN A 57 -6.30 -5.50 -9.97
C GLN A 57 -7.01 -4.19 -9.62
N GLU A 58 -7.76 -4.21 -8.52
CA GLU A 58 -8.48 -3.02 -8.08
C GLU A 58 -7.50 -1.93 -7.66
N ALA A 59 -6.32 -2.35 -7.21
CA ALA A 59 -5.29 -1.41 -6.79
C ALA A 59 -4.45 -0.96 -7.97
N CYS A 60 -4.38 -1.80 -9.01
CA CYS A 60 -3.61 -1.48 -10.21
C CYS A 60 -4.35 -0.45 -11.05
N SER A 61 -5.65 -0.31 -10.79
CA SER A 61 -6.48 0.64 -11.53
C SER A 61 -6.03 2.07 -11.25
N ILE A 62 -5.34 2.27 -10.13
CA ILE A 62 -4.86 3.59 -9.75
C ILE A 62 -3.62 3.97 -10.56
N PRO A 63 -3.62 5.16 -11.18
CA PRO A 63 -2.49 5.64 -11.99
C PRO A 63 -1.20 5.71 -11.19
N GLY A 64 -0.16 5.04 -11.67
CA GLY A 64 1.12 5.05 -10.99
C GLY A 64 1.45 3.72 -10.37
N ILE A 65 0.61 2.72 -10.62
CA ILE A 65 0.82 1.38 -10.08
C ILE A 65 0.69 0.32 -11.16
N GLY A 66 1.65 -0.61 -11.20
CA GLY A 66 1.63 -1.66 -12.20
C GLY A 66 1.32 -3.01 -11.59
N LYS A 67 1.67 -4.08 -12.32
CA LYS A 67 1.42 -5.44 -11.86
C LYS A 67 2.40 -5.83 -10.76
N ARG A 68 3.64 -5.36 -10.88
CA ARG A 68 4.68 -5.65 -9.90
C ARG A 68 4.32 -5.05 -8.54
N MET A 69 3.90 -3.78 -8.56
CA MET A 69 3.52 -3.10 -7.34
C MET A 69 2.21 -3.64 -6.79
N ALA A 70 1.26 -3.87 -7.69
CA ALA A 70 -0.05 -4.41 -7.32
C ALA A 70 0.11 -5.66 -6.47
N GLU A 71 0.92 -6.60 -6.96
CA GLU A 71 1.17 -7.84 -6.24
C GLU A 71 1.98 -7.58 -4.99
N LYS A 72 2.76 -6.50 -5.01
CA LYS A 72 3.59 -6.13 -3.88
C LYS A 72 2.72 -5.64 -2.73
N ILE A 73 1.65 -4.93 -3.07
CA ILE A 73 0.71 -4.41 -2.08
C ILE A 73 -0.04 -5.56 -1.41
N ILE A 74 -0.36 -6.58 -2.20
CA ILE A 74 -1.07 -7.75 -1.68
C ILE A 74 -0.15 -8.57 -0.80
N GLU A 75 1.14 -8.56 -1.12
CA GLU A 75 2.13 -9.30 -0.35
C GLU A 75 2.18 -8.80 1.09
N ILE A 76 2.19 -7.49 1.25
CA ILE A 76 2.22 -6.87 2.57
C ILE A 76 0.89 -7.08 3.29
N LEU A 77 -0.18 -7.18 2.51
CA LEU A 77 -1.51 -7.40 3.07
C LEU A 77 -1.63 -8.80 3.65
N GLU A 78 -0.76 -9.71 3.18
CA GLU A 78 -0.74 -11.09 3.65
C GLU A 78 -1.95 -11.90 3.17
N SER A 79 -3.10 -11.23 3.06
CA SER A 79 -4.33 -11.88 2.61
C SER A 79 -4.70 -13.06 3.49
N GLY A 80 -5.77 -12.89 4.27
CA GLY A 80 -6.21 -13.95 5.15
C GLY A 80 -7.68 -13.82 5.50
N HIS A 81 -8.14 -12.59 5.70
CA HIS A 81 -9.53 -12.33 6.03
C HIS A 81 -10.01 -11.03 5.40
N LEU A 82 -9.21 -10.49 4.49
CA LEU A 82 -9.54 -9.25 3.80
C LEU A 82 -10.35 -9.53 2.54
N ARG A 83 -11.07 -10.64 2.54
CA ARG A 83 -11.89 -11.02 1.38
C ARG A 83 -13.37 -10.85 1.67
N LYS A 84 -13.93 -9.74 1.21
CA LYS A 84 -15.35 -9.45 1.41
C LYS A 84 -16.15 -9.78 0.16
N LEU A 85 -16.97 -10.83 0.26
CA LEU A 85 -17.80 -11.25 -0.87
C LEU A 85 -19.01 -10.32 -1.04
N ASP A 86 -19.29 -9.96 -2.29
CA ASP A 86 -20.41 -9.07 -2.58
C ASP A 86 -21.73 -9.85 -2.58
N HIS A 87 -22.78 -9.21 -2.09
CA HIS A 87 -24.10 -9.84 -2.03
C HIS A 87 -25.14 -9.00 -2.76
N ALA A 2 -10.83 -21.34 -6.99
CA ALA A 2 -11.54 -20.86 -8.16
C ALA A 2 -12.69 -19.93 -7.76
N GLN A 3 -13.63 -19.72 -8.68
CA GLN A 3 -14.77 -18.85 -8.42
C GLN A 3 -14.33 -17.46 -8.01
N PRO A 4 -14.04 -16.58 -8.99
CA PRO A 4 -13.59 -15.21 -8.73
C PRO A 4 -14.74 -14.27 -8.37
N SER A 5 -15.62 -14.73 -7.48
CA SER A 5 -16.77 -13.94 -7.06
C SER A 5 -16.33 -12.66 -6.35
N SER A 6 -17.27 -11.73 -6.18
CA SER A 6 -16.97 -10.47 -5.51
C SER A 6 -17.98 -10.20 -4.40
N GLN A 7 -17.50 -10.30 -3.15
CA GLN A 7 -18.36 -10.08 -2.00
C GLN A 7 -18.52 -8.58 -1.72
N LYS A 8 -17.86 -7.76 -2.55
CA LYS A 8 -17.93 -6.32 -2.40
C LYS A 8 -17.50 -5.89 -1.00
N ALA A 9 -16.20 -5.90 -0.75
CA ALA A 9 -15.66 -5.52 0.55
C ALA A 9 -16.00 -4.07 0.89
N THR A 10 -16.49 -3.86 2.10
CA THR A 10 -16.87 -2.53 2.56
C THR A 10 -15.91 -2.03 3.63
N ASN A 11 -14.78 -2.72 3.78
CA ASN A 11 -13.78 -2.35 4.78
C ASN A 11 -12.78 -1.35 4.21
N HIS A 12 -12.74 -0.16 4.80
CA HIS A 12 -11.83 0.89 4.36
C HIS A 12 -10.85 1.25 5.48
N ASN A 13 -10.33 0.22 6.15
CA ASN A 13 -9.38 0.43 7.23
C ASN A 13 -8.18 -0.50 7.09
N LEU A 14 -7.43 -0.33 6.02
CA LEU A 14 -6.27 -1.15 5.75
C LEU A 14 -4.99 -0.32 5.82
N HIS A 15 -4.11 -0.70 6.73
CA HIS A 15 -2.84 -0.01 6.95
C HIS A 15 -1.90 -0.12 5.75
N ILE A 16 -2.36 -0.78 4.68
CA ILE A 16 -1.53 -0.96 3.50
C ILE A 16 -0.84 0.34 3.08
N THR A 17 -1.64 1.40 2.92
CA THR A 17 -1.10 2.69 2.53
C THR A 17 -0.07 3.18 3.54
N GLU A 18 -0.35 2.95 4.81
CA GLU A 18 0.55 3.37 5.88
C GLU A 18 1.89 2.67 5.75
N LYS A 19 1.85 1.34 5.65
CA LYS A 19 3.06 0.53 5.54
C LYS A 19 3.90 0.97 4.34
N LEU A 20 3.27 1.63 3.38
CA LEU A 20 3.98 2.09 2.19
C LEU A 20 4.72 3.40 2.48
N GLU A 21 4.19 4.17 3.43
CA GLU A 21 4.80 5.44 3.79
C GLU A 21 6.02 5.20 4.67
N VAL A 22 5.92 4.16 5.50
CA VAL A 22 7.01 3.79 6.39
C VAL A 22 8.09 3.05 5.64
N LEU A 23 7.71 2.43 4.52
CA LEU A 23 8.64 1.68 3.69
C LEU A 23 9.57 2.62 2.94
N ALA A 24 8.99 3.61 2.25
CA ALA A 24 9.76 4.58 1.50
C ALA A 24 10.71 5.35 2.40
N LYS A 25 10.21 5.74 3.58
CA LYS A 25 11.01 6.49 4.53
C LYS A 25 12.20 5.66 5.02
N ALA A 26 12.01 4.35 5.06
CA ALA A 26 13.06 3.44 5.51
C ALA A 26 14.27 3.52 4.59
N TYR A 27 14.02 3.45 3.29
CA TYR A 27 15.10 3.53 2.30
C TYR A 27 15.75 4.91 2.35
N SER A 28 14.92 5.93 2.55
CA SER A 28 15.41 7.31 2.61
C SER A 28 16.43 7.47 3.74
N VAL A 29 16.28 6.66 4.78
CA VAL A 29 17.19 6.71 5.92
C VAL A 29 18.36 5.75 5.73
N GLN A 30 18.16 4.75 4.88
CA GLN A 30 19.21 3.76 4.61
C GLN A 30 20.20 4.28 3.57
N GLY A 31 19.75 5.21 2.74
CA GLY A 31 20.60 5.76 1.71
C GLY A 31 20.14 5.41 0.31
N ASP A 32 18.96 4.80 0.20
CA ASP A 32 18.40 4.43 -1.09
C ASP A 32 17.51 5.52 -1.65
N LYS A 33 18.13 6.54 -2.23
CA LYS A 33 17.39 7.67 -2.80
C LYS A 33 16.62 7.22 -4.03
N TRP A 34 17.18 6.28 -4.77
CA TRP A 34 16.54 5.76 -5.98
C TRP A 34 15.26 5.02 -5.64
N ARG A 35 15.35 4.08 -4.72
CA ARG A 35 14.18 3.29 -4.30
C ARG A 35 13.15 4.16 -3.60
N ALA A 36 13.62 5.03 -2.69
CA ALA A 36 12.73 5.92 -1.95
C ALA A 36 12.00 6.89 -2.88
N LEU A 37 12.54 7.09 -4.07
CA LEU A 37 11.94 8.00 -5.04
C LEU A 37 10.69 7.37 -5.65
N GLY A 38 10.85 6.16 -6.21
CA GLY A 38 9.72 5.47 -6.81
C GLY A 38 8.74 4.96 -5.78
N TYR A 39 9.24 4.71 -4.58
CA TYR A 39 8.40 4.22 -3.49
C TYR A 39 7.40 5.28 -3.07
N ALA A 40 7.88 6.52 -2.95
CA ALA A 40 7.02 7.64 -2.57
C ALA A 40 5.99 7.90 -3.66
N LYS A 41 6.37 7.60 -4.90
CA LYS A 41 5.49 7.79 -6.03
C LYS A 41 4.27 6.87 -5.93
N ALA A 42 4.52 5.62 -5.57
CA ALA A 42 3.44 4.65 -5.41
C ALA A 42 2.44 5.13 -4.37
N ILE A 43 2.95 5.54 -3.21
CA ILE A 43 2.10 6.03 -2.13
C ILE A 43 1.22 7.19 -2.60
N ASN A 44 1.74 7.96 -3.55
CA ASN A 44 1.00 9.09 -4.09
C ASN A 44 -0.28 8.61 -4.77
N ALA A 45 -0.17 7.48 -5.45
CA ALA A 45 -1.32 6.90 -6.14
C ALA A 45 -2.38 6.45 -5.15
N LEU A 46 -1.95 5.76 -4.09
CA LEU A 46 -2.87 5.28 -3.07
C LEU A 46 -3.30 6.40 -2.14
N LYS A 47 -2.53 7.49 -2.13
CA LYS A 47 -2.83 8.65 -1.29
C LYS A 47 -4.24 9.15 -1.54
N SER A 48 -4.55 9.40 -2.81
CA SER A 48 -5.88 9.89 -3.19
C SER A 48 -6.87 8.74 -3.25
N PHE A 49 -6.35 7.51 -3.19
CA PHE A 49 -7.19 6.32 -3.24
C PHE A 49 -7.78 6.01 -1.87
N HIS A 50 -9.10 6.15 -1.76
CA HIS A 50 -9.78 5.89 -0.49
C HIS A 50 -10.74 4.71 -0.63
N LYS A 51 -11.15 4.41 -1.85
CA LYS A 51 -12.06 3.30 -2.11
C LYS A 51 -11.46 1.98 -1.62
N PRO A 52 -12.26 1.17 -0.91
CA PRO A 52 -11.80 -0.13 -0.38
C PRO A 52 -11.18 -1.02 -1.45
N VAL A 53 -10.05 -1.64 -1.11
CA VAL A 53 -9.35 -2.52 -2.04
C VAL A 53 -9.80 -3.97 -1.85
N THR A 54 -9.76 -4.75 -2.93
CA THR A 54 -10.18 -6.14 -2.87
C THR A 54 -9.14 -7.06 -3.52
N SER A 55 -8.57 -6.63 -4.63
CA SER A 55 -7.58 -7.43 -5.34
C SER A 55 -6.44 -6.57 -5.87
N TYR A 56 -5.37 -7.23 -6.31
CA TYR A 56 -4.20 -6.55 -6.85
C TYR A 56 -4.53 -5.83 -8.16
N GLN A 57 -5.32 -6.47 -9.00
CA GLN A 57 -5.70 -5.89 -10.28
C GLN A 57 -6.50 -4.60 -10.07
N GLU A 58 -7.35 -4.61 -9.07
CA GLU A 58 -8.18 -3.45 -8.75
C GLU A 58 -7.32 -2.33 -8.17
N ALA A 59 -6.21 -2.69 -7.53
CA ALA A 59 -5.30 -1.72 -6.95
C ALA A 59 -4.29 -1.23 -7.97
N CYS A 60 -4.07 -2.02 -9.01
CA CYS A 60 -3.12 -1.67 -10.07
C CYS A 60 -3.73 -0.66 -11.03
N SER A 61 -5.06 -0.63 -11.08
CA SER A 61 -5.77 0.30 -11.97
C SER A 61 -5.40 1.75 -11.65
N ILE A 62 -4.99 1.99 -10.41
CA ILE A 62 -4.61 3.33 -9.98
C ILE A 62 -3.36 3.81 -10.71
N PRO A 63 -3.42 5.00 -11.34
CA PRO A 63 -2.28 5.55 -12.08
C PRO A 63 -1.03 5.68 -11.22
N GLY A 64 0.05 5.01 -11.63
CA GLY A 64 1.29 5.06 -10.89
C GLY A 64 1.64 3.75 -10.22
N ILE A 65 0.84 2.72 -10.48
CA ILE A 65 1.06 1.40 -9.89
C ILE A 65 0.93 0.31 -10.95
N GLY A 66 1.85 -0.65 -10.90
CA GLY A 66 1.82 -1.75 -11.86
C GLY A 66 1.33 -3.05 -11.24
N LYS A 67 1.46 -4.13 -11.98
CA LYS A 67 1.03 -5.45 -11.51
C LYS A 67 1.98 -5.97 -10.44
N ARG A 68 3.27 -5.66 -10.58
CA ARG A 68 4.27 -6.09 -9.62
C ARG A 68 4.00 -5.46 -8.26
N MET A 69 3.77 -4.15 -8.26
CA MET A 69 3.48 -3.43 -7.03
C MET A 69 2.12 -3.84 -6.48
N ALA A 70 1.16 -4.06 -7.37
CA ALA A 70 -0.18 -4.46 -6.97
C ALA A 70 -0.12 -5.71 -6.09
N GLU A 71 0.65 -6.70 -6.54
CA GLU A 71 0.80 -7.94 -5.78
C GLU A 71 1.53 -7.66 -4.47
N LYS A 72 2.37 -6.62 -4.49
CA LYS A 72 3.13 -6.24 -3.31
C LYS A 72 2.20 -5.73 -2.22
N ILE A 73 1.16 -5.01 -2.64
CA ILE A 73 0.18 -4.47 -1.69
C ILE A 73 -0.64 -5.59 -1.07
N ILE A 74 -0.92 -6.61 -1.87
CA ILE A 74 -1.71 -7.76 -1.41
C ILE A 74 -1.02 -8.43 -0.23
N GLU A 75 0.30 -8.54 -0.30
CA GLU A 75 1.08 -9.16 0.76
C GLU A 75 0.97 -8.35 2.05
N ILE A 76 0.99 -7.03 1.90
CA ILE A 76 0.89 -6.12 3.04
C ILE A 76 -0.46 -6.28 3.73
N LEU A 77 -1.44 -6.79 3.01
CA LEU A 77 -2.78 -7.00 3.55
C LEU A 77 -2.81 -8.28 4.38
N GLU A 78 -2.36 -9.37 3.77
CA GLU A 78 -2.34 -10.66 4.45
C GLU A 78 -1.07 -11.44 4.08
N SER A 79 -1.23 -12.47 3.24
CA SER A 79 -0.11 -13.29 2.80
C SER A 79 0.79 -13.71 3.98
N GLY A 80 0.51 -14.89 4.51
CA GLY A 80 1.28 -15.40 5.63
C GLY A 80 0.43 -16.14 6.64
N HIS A 81 -0.86 -16.23 6.37
CA HIS A 81 -1.79 -16.92 7.25
C HIS A 81 -1.40 -18.39 7.42
N LEU A 82 -0.77 -18.93 6.39
CA LEU A 82 -0.34 -20.33 6.39
C LEU A 82 0.60 -20.60 7.56
N ARG A 83 0.01 -20.87 8.72
CA ARG A 83 0.79 -21.16 9.92
C ARG A 83 1.76 -22.32 9.68
N LYS A 84 3.02 -22.00 9.45
CA LYS A 84 4.05 -23.01 9.19
C LYS A 84 4.44 -23.73 10.48
N LEU A 85 5.03 -24.90 10.33
CA LEU A 85 5.47 -25.70 11.47
C LEU A 85 6.90 -26.16 11.29
N ASP A 86 7.82 -25.54 12.02
CA ASP A 86 9.23 -25.89 11.93
C ASP A 86 9.57 -27.03 12.89
N HIS A 87 10.71 -27.68 12.66
CA HIS A 87 11.17 -28.79 13.50
C HIS A 87 10.11 -29.89 13.56
N ALA A 2 -12.64 -2.96 -13.49
CA ALA A 2 -13.11 -3.06 -12.11
C ALA A 2 -14.61 -2.76 -12.01
N GLN A 3 -15.10 -2.62 -10.78
CA GLN A 3 -16.51 -2.33 -10.55
C GLN A 3 -16.69 -1.38 -9.36
N PRO A 4 -17.48 -0.30 -9.54
CA PRO A 4 -17.73 0.68 -8.48
C PRO A 4 -18.53 0.10 -7.32
N SER A 5 -18.87 0.94 -6.36
CA SER A 5 -19.64 0.50 -5.20
C SER A 5 -20.14 1.70 -4.40
N SER A 6 -19.37 2.78 -4.41
CA SER A 6 -19.72 3.99 -3.69
C SER A 6 -19.85 3.74 -2.19
N GLN A 7 -21.04 3.31 -1.75
CA GLN A 7 -21.28 3.02 -0.35
C GLN A 7 -21.03 4.26 0.51
N LYS A 8 -20.87 4.05 1.82
CA LYS A 8 -20.63 5.15 2.74
C LYS A 8 -19.14 5.41 2.88
N ALA A 9 -18.79 6.50 3.58
CA ALA A 9 -17.40 6.86 3.81
C ALA A 9 -16.86 6.23 5.08
N THR A 10 -16.35 5.01 4.96
CA THR A 10 -15.79 4.30 6.11
C THR A 10 -14.54 3.52 5.73
N ASN A 11 -13.63 3.39 6.67
CA ASN A 11 -12.38 2.67 6.44
C ASN A 11 -12.59 1.15 6.59
N HIS A 12 -11.68 0.38 6.01
CA HIS A 12 -11.77 -1.07 6.07
C HIS A 12 -10.42 -1.67 6.48
N ASN A 13 -9.39 -1.36 5.72
CA ASN A 13 -8.05 -1.87 5.98
C ASN A 13 -7.00 -0.78 5.79
N LEU A 14 -6.82 -0.37 4.54
CA LEU A 14 -5.87 0.67 4.19
C LEU A 14 -4.58 0.55 5.00
N HIS A 15 -4.15 -0.69 5.25
CA HIS A 15 -2.92 -0.94 6.00
C HIS A 15 -1.72 -0.85 5.07
N ILE A 16 -1.93 -1.16 3.80
CA ILE A 16 -0.85 -1.11 2.80
C ILE A 16 -0.28 0.29 2.70
N THR A 17 -1.16 1.29 2.70
CA THR A 17 -0.75 2.68 2.61
C THR A 17 0.22 3.02 3.74
N GLU A 18 -0.03 2.45 4.91
CA GLU A 18 0.82 2.68 6.07
C GLU A 18 2.20 2.08 5.85
N LYS A 19 2.23 0.79 5.53
CA LYS A 19 3.48 0.08 5.28
C LYS A 19 4.29 0.75 4.19
N LEU A 20 3.60 1.48 3.31
CA LEU A 20 4.28 2.17 2.22
C LEU A 20 4.88 3.49 2.71
N GLU A 21 4.33 4.03 3.79
CA GLU A 21 4.83 5.27 4.36
C GLU A 21 6.07 4.99 5.20
N VAL A 22 6.06 3.84 5.87
CA VAL A 22 7.17 3.43 6.70
C VAL A 22 8.34 2.97 5.84
N LEU A 23 8.03 2.43 4.67
CA LEU A 23 9.05 1.96 3.74
C LEU A 23 9.89 3.14 3.28
N ALA A 24 9.22 4.24 2.91
CA ALA A 24 9.91 5.44 2.47
C ALA A 24 10.81 5.95 3.60
N LYS A 25 10.32 5.85 4.82
CA LYS A 25 11.07 6.26 6.01
C LYS A 25 12.36 5.46 6.12
N ALA A 26 12.34 4.24 5.61
CA ALA A 26 13.50 3.37 5.64
C ALA A 26 14.61 3.94 4.78
N TYR A 27 14.25 4.46 3.61
CA TYR A 27 15.22 5.06 2.71
C TYR A 27 15.89 6.24 3.39
N SER A 28 15.15 6.90 4.27
CA SER A 28 15.66 8.06 4.99
C SER A 28 16.66 7.63 6.06
N VAL A 29 16.60 6.36 6.46
CA VAL A 29 17.50 5.84 7.48
C VAL A 29 18.56 4.92 6.88
N GLN A 30 18.40 4.57 5.61
CA GLN A 30 19.35 3.70 4.93
C GLN A 30 19.98 4.39 3.72
N GLY A 31 19.46 5.56 3.38
CA GLY A 31 19.97 6.32 2.25
C GLY A 31 19.83 5.56 0.94
N ASP A 32 18.73 5.80 0.22
CA ASP A 32 18.49 5.14 -1.05
C ASP A 32 17.53 5.95 -1.91
N LYS A 33 18.07 6.92 -2.65
CA LYS A 33 17.27 7.78 -3.51
C LYS A 33 16.35 6.96 -4.41
N TRP A 34 16.90 5.93 -5.04
CA TRP A 34 16.13 5.07 -5.94
C TRP A 34 14.95 4.44 -5.20
N ARG A 35 15.20 3.99 -3.98
CA ARG A 35 14.19 3.35 -3.15
C ARG A 35 13.03 4.31 -2.87
N ALA A 36 13.36 5.58 -2.64
CA ALA A 36 12.35 6.58 -2.34
C ALA A 36 11.56 7.00 -3.57
N LEU A 37 12.17 6.84 -4.73
CA LEU A 37 11.52 7.22 -5.99
C LEU A 37 10.31 6.34 -6.29
N GLY A 38 10.51 5.02 -6.25
CA GLY A 38 9.41 4.11 -6.53
C GLY A 38 8.45 3.96 -5.36
N TYR A 39 8.97 4.12 -4.15
CA TYR A 39 8.15 4.00 -2.95
C TYR A 39 7.21 5.20 -2.81
N ALA A 40 7.79 6.41 -2.84
CA ALA A 40 6.98 7.62 -2.72
C ALA A 40 6.04 7.76 -3.90
N LYS A 41 6.40 7.14 -5.02
CA LYS A 41 5.56 7.18 -6.22
C LYS A 41 4.30 6.35 -6.02
N ALA A 42 4.48 5.16 -5.44
CA ALA A 42 3.36 4.26 -5.19
C ALA A 42 2.40 4.88 -4.17
N ILE A 43 2.96 5.45 -3.10
CA ILE A 43 2.15 6.08 -2.06
C ILE A 43 1.31 7.22 -2.64
N ASN A 44 1.90 7.96 -3.57
CA ASN A 44 1.21 9.06 -4.22
C ASN A 44 -0.06 8.57 -4.91
N ALA A 45 0.02 7.38 -5.47
CA ALA A 45 -1.12 6.78 -6.15
C ALA A 45 -2.22 6.39 -5.16
N LEU A 46 -1.82 5.66 -4.12
CA LEU A 46 -2.76 5.22 -3.09
C LEU A 46 -3.32 6.40 -2.32
N LYS A 47 -2.61 7.53 -2.37
CA LYS A 47 -3.03 8.74 -1.68
C LYS A 47 -4.41 9.18 -2.15
N SER A 48 -4.68 9.00 -3.44
CA SER A 48 -5.97 9.37 -4.02
C SER A 48 -7.01 8.29 -3.77
N PHE A 49 -6.54 7.09 -3.45
CA PHE A 49 -7.44 5.96 -3.19
C PHE A 49 -8.10 6.09 -1.82
N HIS A 50 -9.39 6.44 -1.82
CA HIS A 50 -10.15 6.61 -0.59
C HIS A 50 -10.97 5.37 -0.29
N LYS A 51 -11.00 4.43 -1.23
CA LYS A 51 -11.75 3.20 -1.06
C LYS A 51 -10.82 2.01 -0.82
N PRO A 52 -11.01 1.29 0.31
CA PRO A 52 -10.17 0.13 0.65
C PRO A 52 -10.06 -0.87 -0.50
N VAL A 53 -8.83 -1.24 -0.84
CA VAL A 53 -8.59 -2.19 -1.92
C VAL A 53 -9.02 -3.60 -1.53
N THR A 54 -9.10 -4.49 -2.52
CA THR A 54 -9.51 -5.87 -2.26
C THR A 54 -8.68 -6.85 -3.08
N SER A 55 -8.13 -6.38 -4.20
CA SER A 55 -7.32 -7.23 -5.06
C SER A 55 -6.28 -6.41 -5.82
N TYR A 56 -5.40 -7.10 -6.54
CA TYR A 56 -4.36 -6.45 -7.31
C TYR A 56 -4.92 -5.77 -8.56
N GLN A 57 -5.97 -6.35 -9.12
CA GLN A 57 -6.62 -5.81 -10.31
C GLN A 57 -7.33 -4.50 -9.97
N GLU A 58 -7.96 -4.47 -8.80
CA GLU A 58 -8.68 -3.29 -8.36
C GLU A 58 -7.69 -2.14 -8.10
N ALA A 59 -6.49 -2.49 -7.66
CA ALA A 59 -5.46 -1.50 -7.39
C ALA A 59 -4.68 -1.16 -8.66
N CYS A 60 -4.72 -2.08 -9.63
CA CYS A 60 -4.02 -1.88 -10.90
C CYS A 60 -4.73 -0.82 -11.74
N SER A 61 -6.02 -0.64 -11.49
CA SER A 61 -6.82 0.35 -12.21
C SER A 61 -6.24 1.74 -12.01
N ILE A 62 -5.50 1.91 -10.92
CA ILE A 62 -4.87 3.19 -10.60
C ILE A 62 -3.63 3.41 -11.47
N PRO A 63 -3.64 4.47 -12.31
CA PRO A 63 -2.53 4.80 -13.21
C PRO A 63 -1.19 4.91 -12.48
N GLY A 64 -1.24 5.34 -11.22
CA GLY A 64 -0.03 5.51 -10.45
C GLY A 64 0.52 4.18 -9.93
N ILE A 65 -0.04 3.08 -10.43
CA ILE A 65 0.39 1.75 -10.01
C ILE A 65 0.41 0.79 -11.19
N GLY A 66 1.41 -0.08 -11.22
CA GLY A 66 1.53 -1.05 -12.31
C GLY A 66 1.15 -2.45 -11.88
N LYS A 67 1.51 -3.43 -12.69
CA LYS A 67 1.22 -4.83 -12.40
C LYS A 67 2.10 -5.35 -11.27
N ARG A 68 3.39 -5.06 -11.37
CA ARG A 68 4.34 -5.50 -10.35
C ARG A 68 3.95 -4.96 -8.98
N MET A 69 3.66 -3.66 -8.93
CA MET A 69 3.26 -3.02 -7.68
C MET A 69 1.93 -3.57 -7.20
N ALA A 70 1.04 -3.86 -8.16
CA ALA A 70 -0.27 -4.40 -7.84
C ALA A 70 -0.14 -5.64 -6.97
N GLU A 71 0.65 -6.61 -7.43
CA GLU A 71 0.87 -7.84 -6.69
C GLU A 71 1.58 -7.54 -5.37
N LYS A 72 2.40 -6.49 -5.36
CA LYS A 72 3.13 -6.09 -4.17
C LYS A 72 2.15 -5.69 -3.07
N ILE A 73 1.10 -4.98 -3.44
CA ILE A 73 0.08 -4.55 -2.51
C ILE A 73 -0.63 -5.76 -1.89
N ILE A 74 -0.78 -6.81 -2.70
CA ILE A 74 -1.41 -8.03 -2.24
C ILE A 74 -0.49 -8.80 -1.30
N GLU A 75 0.81 -8.72 -1.56
CA GLU A 75 1.80 -9.39 -0.73
C GLU A 75 1.71 -8.90 0.72
N ILE A 76 1.48 -7.59 0.87
CA ILE A 76 1.35 -6.99 2.18
C ILE A 76 -0.02 -7.28 2.78
N LEU A 77 -0.98 -7.56 1.90
CA LEU A 77 -2.34 -7.87 2.31
C LEU A 77 -2.46 -9.33 2.75
N GLU A 78 -1.45 -10.12 2.40
CA GLU A 78 -1.42 -11.54 2.74
C GLU A 78 -1.90 -11.79 4.17
N SER A 79 -1.00 -11.63 5.13
CA SER A 79 -1.33 -11.84 6.54
C SER A 79 -0.79 -10.71 7.41
N GLY A 80 -1.67 -10.12 8.21
CA GLY A 80 -1.26 -9.03 9.08
C GLY A 80 -1.03 -9.49 10.50
N HIS A 81 -1.10 -10.79 10.73
CA HIS A 81 -0.90 -11.35 12.07
C HIS A 81 -0.78 -12.88 12.01
N LEU A 82 -0.30 -13.46 13.09
CA LEU A 82 -0.13 -14.91 13.17
C LEU A 82 -0.74 -15.44 14.47
N ARG A 83 -1.94 -16.00 14.38
CA ARG A 83 -2.64 -16.54 15.54
C ARG A 83 -2.41 -18.04 15.67
N LYS A 84 -2.83 -18.61 16.80
CA LYS A 84 -2.68 -20.03 17.05
C LYS A 84 -3.98 -20.78 16.75
N LEU A 85 -3.91 -22.10 16.74
CA LEU A 85 -5.07 -22.93 16.46
C LEU A 85 -5.46 -23.76 17.68
N ASP A 86 -6.76 -23.93 17.88
CA ASP A 86 -7.28 -24.70 19.00
C ASP A 86 -7.72 -26.09 18.56
N HIS A 87 -6.97 -27.10 19.00
CA HIS A 87 -7.29 -28.48 18.66
C HIS A 87 -7.86 -29.23 19.86
N ALA A 2 -19.58 22.35 0.96
CA ALA A 2 -19.58 22.25 2.41
C ALA A 2 -19.13 20.86 2.86
N GLN A 3 -19.27 20.59 4.16
CA GLN A 3 -18.88 19.31 4.72
C GLN A 3 -19.73 18.96 5.94
N PRO A 4 -20.21 17.72 6.03
CA PRO A 4 -21.05 17.28 7.16
C PRO A 4 -20.24 17.15 8.45
N SER A 5 -20.92 17.31 9.58
CA SER A 5 -20.27 17.21 10.88
C SER A 5 -20.53 15.85 11.53
N SER A 6 -20.63 14.82 10.70
CA SER A 6 -20.88 13.47 11.19
C SER A 6 -19.58 12.78 11.59
N GLN A 7 -18.46 13.32 11.09
CA GLN A 7 -17.14 12.77 11.39
C GLN A 7 -17.01 11.35 10.85
N LYS A 8 -17.48 10.38 11.63
CA LYS A 8 -17.41 8.97 11.23
C LYS A 8 -15.97 8.56 10.96
N ALA A 9 -15.16 8.50 12.02
CA ALA A 9 -13.76 8.11 11.89
C ALA A 9 -13.63 6.63 11.58
N THR A 10 -13.54 6.29 10.29
CA THR A 10 -13.40 4.91 9.87
C THR A 10 -12.16 4.70 9.02
N ASN A 11 -11.77 3.46 8.83
CA ASN A 11 -10.60 3.13 8.02
C ASN A 11 -10.99 2.31 6.79
N HIS A 12 -10.82 2.90 5.62
CA HIS A 12 -11.15 2.22 4.37
C HIS A 12 -9.92 1.51 3.80
N ASN A 13 -9.45 0.48 4.51
CA ASN A 13 -8.30 -0.29 4.07
C ASN A 13 -7.09 0.62 3.86
N LEU A 14 -6.56 1.16 4.96
CA LEU A 14 -5.42 2.05 4.90
C LEU A 14 -4.23 1.49 5.68
N HIS A 15 -4.23 0.17 5.87
CA HIS A 15 -3.15 -0.49 6.58
C HIS A 15 -1.94 -0.69 5.67
N ILE A 16 -2.22 -0.94 4.39
CA ILE A 16 -1.17 -1.15 3.40
C ILE A 16 -0.39 0.14 3.16
N THR A 17 -1.09 1.26 3.20
CA THR A 17 -0.47 2.56 2.98
C THR A 17 0.54 2.89 4.07
N GLU A 18 0.25 2.45 5.28
CA GLU A 18 1.14 2.68 6.41
C GLU A 18 2.44 1.87 6.27
N LYS A 19 2.30 0.68 5.69
CA LYS A 19 3.42 -0.20 5.48
C LYS A 19 4.22 0.24 4.26
N LEU A 20 3.54 0.86 3.32
CA LEU A 20 4.19 1.34 2.11
C LEU A 20 5.04 2.56 2.43
N GLU A 21 4.66 3.27 3.49
CA GLU A 21 5.37 4.46 3.92
C GLU A 21 6.52 4.13 4.86
N VAL A 22 6.31 3.15 5.74
CA VAL A 22 7.31 2.74 6.69
C VAL A 22 8.53 2.16 5.97
N LEU A 23 8.27 1.49 4.85
CA LEU A 23 9.32 0.88 4.06
C LEU A 23 10.09 1.94 3.26
N ALA A 24 9.34 2.82 2.60
CA ALA A 24 9.94 3.88 1.81
C ALA A 24 10.80 4.80 2.69
N LYS A 25 10.36 4.99 3.94
CA LYS A 25 11.08 5.83 4.88
C LYS A 25 12.44 5.22 5.21
N ALA A 26 12.45 3.92 5.48
CA ALA A 26 13.68 3.21 5.80
C ALA A 26 14.71 3.38 4.70
N TYR A 27 14.23 3.39 3.46
CA TYR A 27 15.11 3.56 2.30
C TYR A 27 15.82 4.90 2.37
N SER A 28 15.09 5.93 2.77
CA SER A 28 15.65 7.27 2.88
C SER A 28 16.72 7.32 3.98
N VAL A 29 16.49 6.56 5.05
CA VAL A 29 17.43 6.50 6.16
C VAL A 29 18.64 5.64 5.80
N GLN A 30 18.46 4.77 4.82
CA GLN A 30 19.52 3.88 4.37
C GLN A 30 20.27 4.48 3.18
N GLY A 31 19.93 5.72 2.84
CA GLY A 31 20.57 6.39 1.73
C GLY A 31 20.10 5.88 0.38
N ASP A 32 18.79 5.94 0.16
CA ASP A 32 18.21 5.48 -1.10
C ASP A 32 17.29 6.55 -1.69
N LYS A 33 17.87 7.41 -2.52
CA LYS A 33 17.11 8.48 -3.16
C LYS A 33 16.28 7.96 -4.32
N TRP A 34 16.89 7.13 -5.16
CA TRP A 34 16.21 6.55 -6.31
C TRP A 34 15.11 5.60 -5.88
N ARG A 35 15.42 4.74 -4.91
CA ARG A 35 14.45 3.78 -4.40
C ARG A 35 13.29 4.47 -3.71
N ALA A 36 13.60 5.43 -2.85
CA ALA A 36 12.55 6.17 -2.13
C ALA A 36 11.61 6.88 -3.11
N LEU A 37 12.14 7.18 -4.29
CA LEU A 37 11.34 7.85 -5.32
C LEU A 37 10.32 6.89 -5.91
N GLY A 38 10.73 5.64 -6.10
CA GLY A 38 9.84 4.63 -6.66
C GLY A 38 8.75 4.23 -5.69
N TYR A 39 9.13 3.96 -4.44
CA TYR A 39 8.18 3.57 -3.41
C TYR A 39 7.18 4.69 -3.15
N ALA A 40 7.70 5.88 -2.85
CA ALA A 40 6.86 7.04 -2.58
C ALA A 40 5.88 7.28 -3.73
N LYS A 41 6.32 6.98 -4.94
CA LYS A 41 5.47 7.15 -6.12
C LYS A 41 4.18 6.36 -5.98
N ALA A 42 4.31 5.09 -5.61
CA ALA A 42 3.15 4.22 -5.42
C ALA A 42 2.25 4.78 -4.32
N ILE A 43 2.87 5.35 -3.29
CA ILE A 43 2.14 5.92 -2.18
C ILE A 43 1.35 7.14 -2.63
N ASN A 44 1.89 7.85 -3.62
CA ASN A 44 1.24 9.03 -4.16
C ASN A 44 -0.11 8.66 -4.77
N ALA A 45 -0.15 7.51 -5.43
CA ALA A 45 -1.37 7.03 -6.06
C ALA A 45 -2.41 6.68 -5.01
N LEU A 46 -1.96 6.01 -3.95
CA LEU A 46 -2.84 5.61 -2.85
C LEU A 46 -3.23 6.83 -2.03
N LYS A 47 -2.46 7.90 -2.16
CA LYS A 47 -2.71 9.13 -1.43
C LYS A 47 -3.91 9.88 -2.02
N SER A 48 -4.66 9.21 -2.88
CA SER A 48 -5.83 9.82 -3.50
C SER A 48 -6.83 8.74 -3.89
N PHE A 49 -6.70 7.58 -3.24
CA PHE A 49 -7.58 6.46 -3.50
C PHE A 49 -9.02 6.79 -3.16
N HIS A 50 -9.96 6.20 -3.89
CA HIS A 50 -11.38 6.43 -3.66
C HIS A 50 -12.05 5.23 -3.01
N LYS A 51 -12.11 4.12 -3.74
CA LYS A 51 -12.73 2.91 -3.24
C LYS A 51 -11.67 1.96 -2.66
N PRO A 52 -11.96 1.34 -1.50
CA PRO A 52 -11.03 0.42 -0.84
C PRO A 52 -10.50 -0.65 -1.81
N VAL A 53 -9.33 -1.18 -1.49
CA VAL A 53 -8.71 -2.19 -2.34
C VAL A 53 -9.28 -3.58 -2.06
N THR A 54 -9.36 -4.41 -3.10
CA THR A 54 -9.89 -5.76 -2.96
C THR A 54 -8.97 -6.77 -3.65
N SER A 55 -8.51 -6.41 -4.85
CA SER A 55 -7.62 -7.28 -5.61
C SER A 55 -6.41 -6.50 -6.10
N TYR A 56 -5.39 -7.22 -6.58
CA TYR A 56 -4.17 -6.60 -7.07
C TYR A 56 -4.45 -5.73 -8.30
N GLN A 57 -5.42 -6.15 -9.11
CA GLN A 57 -5.78 -5.41 -10.32
C GLN A 57 -6.55 -4.14 -9.97
N GLU A 58 -7.43 -4.24 -8.98
CA GLU A 58 -8.23 -3.10 -8.55
C GLU A 58 -7.34 -1.96 -8.07
N ALA A 59 -6.22 -2.32 -7.44
CA ALA A 59 -5.28 -1.34 -6.94
C ALA A 59 -4.38 -0.80 -8.04
N CYS A 60 -3.98 -1.69 -8.94
CA CYS A 60 -3.11 -1.31 -10.06
C CYS A 60 -3.81 -0.31 -10.97
N SER A 61 -5.13 -0.22 -10.85
CA SER A 61 -5.93 0.69 -11.66
C SER A 61 -5.59 2.15 -11.31
N ILE A 62 -5.17 2.37 -10.07
CA ILE A 62 -4.81 3.71 -9.62
C ILE A 62 -3.54 4.20 -10.29
N PRO A 63 -3.63 5.29 -11.07
CA PRO A 63 -2.47 5.86 -11.77
C PRO A 63 -1.29 6.12 -10.84
N GLY A 64 -0.23 5.33 -11.02
CA GLY A 64 0.96 5.49 -10.19
C GLY A 64 1.40 4.19 -9.54
N ILE A 65 0.82 3.08 -9.97
CA ILE A 65 1.16 1.77 -9.43
C ILE A 65 1.37 0.75 -10.55
N GLY A 66 2.45 -0.02 -10.45
CA GLY A 66 2.75 -1.02 -11.46
C GLY A 66 2.27 -2.40 -11.07
N LYS A 67 2.80 -3.42 -11.75
CA LYS A 67 2.43 -4.80 -11.48
C LYS A 67 3.14 -5.33 -10.23
N ARG A 68 4.42 -4.99 -10.12
CA ARG A 68 5.22 -5.43 -8.97
C ARG A 68 4.63 -4.89 -7.67
N MET A 69 4.10 -3.68 -7.71
CA MET A 69 3.49 -3.06 -6.54
C MET A 69 2.11 -3.64 -6.29
N ALA A 70 1.41 -3.95 -7.37
CA ALA A 70 0.07 -4.52 -7.28
C ALA A 70 0.07 -5.75 -6.38
N GLU A 71 0.84 -6.77 -6.75
CA GLU A 71 0.93 -7.99 -5.97
C GLU A 71 1.51 -7.70 -4.59
N LYS A 72 2.38 -6.69 -4.52
CA LYS A 72 3.01 -6.30 -3.27
C LYS A 72 1.95 -5.91 -2.24
N ILE A 73 0.95 -5.17 -2.70
CA ILE A 73 -0.14 -4.74 -1.82
C ILE A 73 -0.90 -5.94 -1.27
N ILE A 74 -1.18 -6.90 -2.15
CA ILE A 74 -1.89 -8.12 -1.76
C ILE A 74 -1.08 -8.92 -0.74
N GLU A 75 0.25 -8.81 -0.86
CA GLU A 75 1.15 -9.52 0.04
C GLU A 75 1.01 -8.99 1.46
N ILE A 76 0.92 -7.66 1.58
CA ILE A 76 0.79 -7.02 2.88
C ILE A 76 -0.58 -7.30 3.49
N LEU A 77 -1.57 -7.56 2.64
CA LEU A 77 -2.91 -7.86 3.10
C LEU A 77 -3.04 -9.31 3.53
N GLU A 78 -2.13 -10.15 3.04
CA GLU A 78 -2.12 -11.56 3.37
C GLU A 78 -1.76 -11.77 4.84
N SER A 79 -0.45 -11.93 5.09
CA SER A 79 0.05 -12.14 6.45
C SER A 79 -0.72 -13.25 7.17
N GLY A 80 -1.72 -12.86 7.96
CA GLY A 80 -2.51 -13.84 8.68
C GLY A 80 -1.81 -14.33 9.93
N HIS A 81 -0.51 -14.06 10.04
CA HIS A 81 0.27 -14.46 11.19
C HIS A 81 0.85 -13.25 11.91
N LEU A 82 1.11 -13.40 13.20
CA LEU A 82 1.66 -12.31 14.01
C LEU A 82 3.19 -12.28 13.92
N ARG A 83 3.70 -11.98 12.73
CA ARG A 83 5.15 -11.93 12.52
C ARG A 83 5.57 -10.51 12.10
N LYS A 84 6.85 -10.35 11.82
CA LYS A 84 7.39 -9.06 11.41
C LYS A 84 7.82 -9.08 9.94
N LEU A 85 7.75 -7.92 9.30
CA LEU A 85 8.12 -7.81 7.89
C LEU A 85 9.59 -7.41 7.74
N ASP A 86 10.41 -8.34 7.30
CA ASP A 86 11.84 -8.08 7.12
C ASP A 86 12.10 -7.39 5.78
N HIS A 87 12.74 -6.22 5.85
CA HIS A 87 13.06 -5.44 4.66
C HIS A 87 11.79 -5.14 3.84
N ALA A 2 -19.32 -11.19 5.01
CA ALA A 2 -18.78 -10.01 4.33
C ALA A 2 -19.37 -8.72 4.90
N GLN A 3 -18.80 -8.25 6.00
CA GLN A 3 -19.26 -7.03 6.64
C GLN A 3 -18.17 -5.97 6.68
N PRO A 4 -18.05 -5.15 5.62
CA PRO A 4 -17.03 -4.09 5.54
C PRO A 4 -17.18 -3.07 6.65
N SER A 5 -18.35 -3.07 7.29
CA SER A 5 -18.62 -2.14 8.39
C SER A 5 -18.64 -2.87 9.73
N SER A 6 -17.72 -2.49 10.61
CA SER A 6 -17.63 -3.11 11.93
C SER A 6 -18.80 -2.70 12.81
N GLN A 7 -18.70 -1.52 13.41
CA GLN A 7 -19.76 -1.01 14.29
C GLN A 7 -19.54 0.46 14.60
N LYS A 8 -18.35 0.96 14.30
CA LYS A 8 -18.01 2.35 14.55
C LYS A 8 -17.27 2.97 13.36
N ALA A 9 -16.85 4.22 13.50
CA ALA A 9 -16.14 4.90 12.44
C ALA A 9 -14.67 4.49 12.40
N THR A 10 -14.18 4.17 11.22
CA THR A 10 -12.79 3.75 11.05
C THR A 10 -12.33 3.97 9.60
N ASN A 11 -11.10 3.54 9.32
CA ASN A 11 -10.54 3.70 7.98
C ASN A 11 -11.16 2.69 7.02
N HIS A 12 -10.70 2.71 5.77
CA HIS A 12 -11.21 1.80 4.75
C HIS A 12 -10.14 0.78 4.35
N ASN A 13 -9.52 0.16 5.34
CA ASN A 13 -8.48 -0.84 5.10
C ASN A 13 -7.35 -0.25 4.27
N LEU A 14 -6.91 0.96 4.63
CA LEU A 14 -5.84 1.63 3.92
C LEU A 14 -4.54 1.60 4.73
N HIS A 15 -4.45 0.63 5.63
CA HIS A 15 -3.26 0.48 6.47
C HIS A 15 -2.05 0.07 5.63
N ILE A 16 -2.30 -0.29 4.38
CA ILE A 16 -1.25 -0.70 3.47
C ILE A 16 -0.37 0.49 3.07
N THR A 17 -1.02 1.64 2.90
CA THR A 17 -0.31 2.86 2.52
C THR A 17 0.66 3.28 3.62
N GLU A 18 0.30 2.96 4.87
CA GLU A 18 1.12 3.30 6.02
C GLU A 18 2.45 2.54 5.97
N LYS A 19 2.36 1.21 5.89
CA LYS A 19 3.54 0.36 5.82
C LYS A 19 4.43 0.74 4.65
N LEU A 20 3.83 1.30 3.61
CA LEU A 20 4.58 1.72 2.42
C LEU A 20 5.27 3.06 2.68
N GLU A 21 4.79 3.78 3.68
CA GLU A 21 5.35 5.07 4.03
C GLU A 21 6.53 4.89 4.98
N VAL A 22 6.42 3.91 5.86
CA VAL A 22 7.46 3.60 6.81
C VAL A 22 8.63 2.91 6.15
N LEU A 23 8.36 2.25 5.02
CA LEU A 23 9.40 1.55 4.27
C LEU A 23 10.17 2.55 3.41
N ALA A 24 9.47 3.52 2.84
CA ALA A 24 10.08 4.53 2.01
C ALA A 24 11.05 5.39 2.82
N LYS A 25 10.58 5.82 4.00
CA LYS A 25 11.40 6.63 4.88
C LYS A 25 12.61 5.83 5.37
N ALA A 26 12.42 4.53 5.54
CA ALA A 26 13.48 3.65 5.99
C ALA A 26 14.66 3.68 5.02
N TYR A 27 14.35 3.54 3.73
CA TYR A 27 15.37 3.56 2.70
C TYR A 27 16.11 4.89 2.73
N SER A 28 15.39 5.96 3.03
CA SER A 28 15.98 7.29 3.11
C SER A 28 17.06 7.33 4.19
N VAL A 29 16.86 6.54 5.24
CA VAL A 29 17.81 6.48 6.34
C VAL A 29 18.98 5.56 5.99
N GLN A 30 18.79 4.72 4.98
CA GLN A 30 19.82 3.80 4.54
C GLN A 30 20.70 4.43 3.47
N GLY A 31 20.15 5.41 2.75
CA GLY A 31 20.90 6.08 1.71
C GLY A 31 20.40 5.72 0.32
N ASP A 32 19.12 5.38 0.22
CA ASP A 32 18.52 5.03 -1.06
C ASP A 32 17.45 6.04 -1.45
N LYS A 33 17.89 7.14 -2.05
CA LYS A 33 16.98 8.20 -2.48
C LYS A 33 16.13 7.74 -3.67
N TRP A 34 16.73 6.94 -4.54
CA TRP A 34 16.03 6.44 -5.72
C TRP A 34 14.97 5.41 -5.34
N ARG A 35 15.35 4.44 -4.53
CA ARG A 35 14.43 3.40 -4.09
C ARG A 35 13.28 3.98 -3.29
N ALA A 36 13.61 4.89 -2.36
CA ALA A 36 12.60 5.53 -1.53
C ALA A 36 11.69 6.45 -2.35
N LEU A 37 12.18 6.85 -3.52
CA LEU A 37 11.41 7.73 -4.40
C LEU A 37 10.28 6.96 -5.08
N GLY A 38 10.61 5.79 -5.63
CA GLY A 38 9.61 4.98 -6.30
C GLY A 38 8.53 4.49 -5.36
N TYR A 39 8.93 4.12 -4.14
CA TYR A 39 7.99 3.62 -3.14
C TYR A 39 6.97 4.70 -2.78
N ALA A 40 7.44 5.93 -2.63
CA ALA A 40 6.56 7.04 -2.29
C ALA A 40 5.58 7.32 -3.42
N LYS A 41 6.00 7.05 -4.65
CA LYS A 41 5.15 7.27 -5.81
C LYS A 41 3.89 6.41 -5.71
N ALA A 42 4.08 5.16 -5.28
CA ALA A 42 2.96 4.24 -5.12
C ALA A 42 1.96 4.77 -4.09
N ILE A 43 2.49 5.22 -2.95
CA ILE A 43 1.66 5.75 -1.89
C ILE A 43 0.84 6.94 -2.38
N ASN A 44 1.41 7.68 -3.33
CA ASN A 44 0.73 8.85 -3.89
C ASN A 44 -0.55 8.43 -4.60
N ALA A 45 -0.49 7.28 -5.28
CA ALA A 45 -1.64 6.77 -6.00
C ALA A 45 -2.74 6.34 -5.03
N LEU A 46 -2.34 5.70 -3.94
CA LEU A 46 -3.28 5.24 -2.92
C LEU A 46 -3.74 6.41 -2.05
N LYS A 47 -2.96 7.49 -2.07
CA LYS A 47 -3.28 8.67 -1.29
C LYS A 47 -4.57 9.32 -1.77
N SER A 48 -4.73 9.40 -3.09
CA SER A 48 -5.92 10.00 -3.68
C SER A 48 -7.04 8.97 -3.82
N PHE A 49 -6.82 7.78 -3.29
CA PHE A 49 -7.81 6.71 -3.36
C PHE A 49 -8.57 6.60 -2.04
N HIS A 50 -9.89 6.73 -2.11
CA HIS A 50 -10.73 6.65 -0.92
C HIS A 50 -11.27 5.24 -0.74
N LYS A 51 -11.80 4.67 -1.82
CA LYS A 51 -12.37 3.32 -1.77
C LYS A 51 -11.35 2.30 -1.25
N PRO A 52 -11.82 1.27 -0.52
CA PRO A 52 -10.95 0.23 0.03
C PRO A 52 -10.35 -0.66 -1.05
N VAL A 53 -9.65 -1.70 -0.63
CA VAL A 53 -9.03 -2.63 -1.57
C VAL A 53 -9.60 -4.04 -1.40
N THR A 54 -9.62 -4.79 -2.50
CA THR A 54 -10.14 -6.15 -2.48
C THR A 54 -9.09 -7.14 -2.97
N SER A 55 -8.28 -6.71 -3.93
CA SER A 55 -7.22 -7.54 -4.48
C SER A 55 -6.16 -6.70 -5.17
N TYR A 56 -5.25 -7.35 -5.87
CA TYR A 56 -4.18 -6.66 -6.58
C TYR A 56 -4.71 -6.00 -7.85
N GLN A 57 -5.79 -6.55 -8.39
CA GLN A 57 -6.41 -6.04 -9.61
C GLN A 57 -6.80 -4.57 -9.45
N GLU A 58 -7.51 -4.27 -8.37
CA GLU A 58 -7.95 -2.91 -8.09
C GLU A 58 -6.77 -1.96 -8.15
N ALA A 59 -5.68 -2.36 -7.51
CA ALA A 59 -4.46 -1.55 -7.49
C ALA A 59 -3.82 -1.51 -8.87
N CYS A 60 -4.04 -2.56 -9.66
CA CYS A 60 -3.48 -2.64 -11.00
C CYS A 60 -4.14 -1.64 -11.92
N SER A 61 -5.30 -1.12 -11.49
CA SER A 61 -6.04 -0.13 -12.29
C SER A 61 -5.83 1.27 -11.74
N ILE A 62 -5.08 1.39 -10.67
CA ILE A 62 -4.81 2.69 -10.05
C ILE A 62 -3.64 3.40 -10.73
N PRO A 63 -3.84 4.65 -11.20
CA PRO A 63 -2.80 5.43 -11.87
C PRO A 63 -1.60 5.67 -10.96
N GLY A 64 -0.51 4.94 -11.21
CA GLY A 64 0.69 5.09 -10.41
C GLY A 64 1.32 3.77 -10.04
N ILE A 65 0.48 2.74 -9.90
CA ILE A 65 0.96 1.41 -9.54
C ILE A 65 1.14 0.56 -10.79
N GLY A 66 1.27 -0.75 -10.60
CA GLY A 66 1.45 -1.64 -11.72
C GLY A 66 1.20 -3.09 -11.35
N LYS A 67 1.61 -4.00 -12.23
CA LYS A 67 1.44 -5.43 -12.00
C LYS A 67 2.38 -5.93 -10.91
N ARG A 68 3.66 -5.57 -11.03
CA ARG A 68 4.66 -5.97 -10.05
C ARG A 68 4.32 -5.41 -8.67
N MET A 69 3.93 -4.14 -8.64
CA MET A 69 3.57 -3.49 -7.38
C MET A 69 2.27 -4.05 -6.83
N ALA A 70 1.38 -4.46 -7.74
CA ALA A 70 0.11 -5.02 -7.35
C ALA A 70 0.31 -6.21 -6.43
N GLU A 71 1.29 -7.04 -6.76
CA GLU A 71 1.61 -8.21 -5.97
C GLU A 71 2.27 -7.80 -4.65
N LYS A 72 3.00 -6.69 -4.70
CA LYS A 72 3.69 -6.17 -3.52
C LYS A 72 2.69 -5.75 -2.45
N ILE A 73 1.60 -5.11 -2.88
CA ILE A 73 0.57 -4.66 -1.96
C ILE A 73 -0.13 -5.85 -1.31
N ILE A 74 -0.30 -6.92 -2.09
CA ILE A 74 -0.93 -8.13 -1.60
C ILE A 74 -0.07 -8.80 -0.53
N GLU A 75 1.24 -8.72 -0.71
CA GLU A 75 2.19 -9.32 0.23
C GLU A 75 2.12 -8.62 1.58
N ILE A 76 2.17 -7.29 1.56
CA ILE A 76 2.10 -6.50 2.78
C ILE A 76 0.78 -6.73 3.50
N LEU A 77 -0.23 -7.15 2.75
CA LEU A 77 -1.54 -7.41 3.31
C LEU A 77 -1.55 -8.71 4.11
N GLU A 78 -0.94 -9.75 3.53
CA GLU A 78 -0.87 -11.06 4.17
C GLU A 78 -2.26 -11.62 4.45
N SER A 79 -3.27 -10.94 3.95
CA SER A 79 -4.66 -11.37 4.14
C SER A 79 -5.32 -11.65 2.79
N GLY A 80 -6.26 -12.59 2.78
CA GLY A 80 -6.94 -12.93 1.55
C GLY A 80 -6.09 -13.80 0.63
N HIS A 81 -5.17 -14.54 1.23
CA HIS A 81 -4.28 -15.41 0.47
C HIS A 81 -4.98 -16.71 0.10
N LEU A 82 -6.28 -16.75 0.33
CA LEU A 82 -7.08 -17.93 0.02
C LEU A 82 -7.45 -17.97 -1.46
N ARG A 83 -6.45 -18.10 -2.32
CA ARG A 83 -6.67 -18.14 -3.76
C ARG A 83 -6.95 -19.57 -4.22
N LYS A 84 -7.53 -19.70 -5.41
CA LYS A 84 -7.84 -21.01 -5.97
C LYS A 84 -6.90 -21.38 -7.11
N LEU A 85 -6.10 -22.41 -6.91
CA LEU A 85 -5.14 -22.86 -7.91
C LEU A 85 -5.75 -23.96 -8.78
N ASP A 86 -5.84 -23.70 -10.09
CA ASP A 86 -6.40 -24.67 -11.03
C ASP A 86 -5.35 -25.70 -11.43
N HIS A 87 -5.81 -26.89 -11.79
CA HIS A 87 -4.92 -27.97 -12.20
C HIS A 87 -4.81 -28.04 -13.72
N ALA A 2 -21.83 18.17 12.82
CA ALA A 2 -21.66 19.05 11.66
C ALA A 2 -20.26 19.63 11.63
N GLN A 3 -19.28 18.85 12.09
CA GLN A 3 -17.89 19.30 12.10
C GLN A 3 -16.94 18.10 11.97
N PRO A 4 -15.96 18.19 11.04
CA PRO A 4 -14.99 17.11 10.81
C PRO A 4 -13.92 17.07 11.89
N SER A 5 -12.93 16.19 11.70
CA SER A 5 -11.84 16.04 12.66
C SER A 5 -12.37 15.70 14.05
N SER A 6 -13.55 15.09 14.10
CA SER A 6 -14.16 14.71 15.36
C SER A 6 -14.61 13.26 15.33
N GLN A 7 -15.74 13.01 14.66
CA GLN A 7 -16.28 11.65 14.55
C GLN A 7 -15.39 10.78 13.68
N LYS A 8 -14.60 9.93 14.32
CA LYS A 8 -13.70 9.03 13.61
C LYS A 8 -14.24 7.60 13.58
N ALA A 9 -15.30 7.41 12.80
CA ALA A 9 -15.91 6.08 12.68
C ALA A 9 -14.99 5.12 11.95
N THR A 10 -15.35 3.84 11.94
CA THR A 10 -14.55 2.81 11.28
C THR A 10 -14.15 3.25 9.87
N ASN A 11 -12.88 3.60 9.70
CA ASN A 11 -12.37 4.04 8.41
C ASN A 11 -11.43 3.00 7.80
N HIS A 12 -11.37 2.96 6.48
CA HIS A 12 -10.51 2.03 5.77
C HIS A 12 -9.78 2.74 4.64
N ASN A 13 -8.93 3.70 4.99
CA ASN A 13 -8.17 4.45 4.00
C ASN A 13 -6.83 4.91 4.56
N LEU A 14 -6.38 4.25 5.62
CA LEU A 14 -5.12 4.59 6.26
C LEU A 14 -4.33 3.35 6.63
N HIS A 15 -4.67 2.23 6.01
CA HIS A 15 -3.99 0.97 6.30
C HIS A 15 -2.81 0.74 5.37
N ILE A 16 -3.09 0.57 4.08
CA ILE A 16 -2.05 0.34 3.09
C ILE A 16 -1.11 1.53 2.97
N THR A 17 -1.66 2.73 3.19
CA THR A 17 -0.86 3.95 3.08
C THR A 17 0.25 3.96 4.13
N GLU A 18 -0.05 3.44 5.31
CA GLU A 18 0.93 3.41 6.40
C GLU A 18 2.05 2.43 6.09
N LYS A 19 1.68 1.19 5.81
CA LYS A 19 2.64 0.13 5.51
C LYS A 19 3.53 0.51 4.33
N LEU A 20 2.92 1.01 3.26
CA LEU A 20 3.65 1.41 2.07
C LEU A 20 4.59 2.58 2.36
N GLU A 21 4.25 3.36 3.38
CA GLU A 21 5.05 4.50 3.77
C GLU A 21 6.17 4.04 4.69
N VAL A 22 5.90 2.95 5.41
CA VAL A 22 6.84 2.36 6.31
C VAL A 22 8.06 1.85 5.56
N LEU A 23 7.84 1.44 4.33
CA LEU A 23 8.90 0.93 3.47
C LEU A 23 9.73 2.08 2.89
N ALA A 24 9.06 3.02 2.24
CA ALA A 24 9.72 4.17 1.64
C ALA A 24 10.53 4.94 2.67
N LYS A 25 9.99 5.07 3.88
CA LYS A 25 10.66 5.77 4.95
C LYS A 25 11.98 5.10 5.30
N ALA A 26 11.93 3.77 5.46
CA ALA A 26 13.11 3.00 5.79
C ALA A 26 14.18 3.14 4.71
N TYR A 27 13.74 3.11 3.45
CA TYR A 27 14.65 3.22 2.32
C TYR A 27 15.36 4.58 2.34
N SER A 28 14.64 5.60 2.78
CA SER A 28 15.19 6.96 2.86
C SER A 28 16.26 7.05 3.94
N VAL A 29 16.07 6.31 5.03
CA VAL A 29 17.02 6.30 6.14
C VAL A 29 18.28 5.50 5.79
N GLN A 30 18.12 4.52 4.89
CA GLN A 30 19.24 3.68 4.48
C GLN A 30 20.07 4.35 3.39
N GLY A 31 19.56 5.46 2.86
CA GLY A 31 20.27 6.18 1.82
C GLY A 31 19.66 5.96 0.45
N ASP A 32 18.73 5.01 0.35
CA ASP A 32 18.07 4.71 -0.92
C ASP A 32 17.17 5.87 -1.35
N LYS A 33 17.72 6.77 -2.15
CA LYS A 33 16.96 7.92 -2.64
C LYS A 33 16.17 7.56 -3.89
N TRP A 34 16.73 6.66 -4.70
CA TRP A 34 16.08 6.22 -5.94
C TRP A 34 14.87 5.33 -5.64
N ARG A 35 15.10 4.30 -4.84
CA ARG A 35 14.04 3.35 -4.48
C ARG A 35 12.89 4.07 -3.79
N ALA A 36 13.21 4.80 -2.73
CA ALA A 36 12.21 5.53 -1.97
C ALA A 36 11.48 6.55 -2.83
N LEU A 37 12.13 6.99 -3.91
CA LEU A 37 11.54 7.97 -4.80
C LEU A 37 10.31 7.39 -5.50
N GLY A 38 10.45 6.18 -6.04
CA GLY A 38 9.34 5.54 -6.72
C GLY A 38 8.33 4.97 -5.76
N TYR A 39 8.81 4.48 -4.61
CA TYR A 39 7.92 3.91 -3.60
C TYR A 39 6.97 4.97 -3.08
N ALA A 40 7.50 6.15 -2.79
CA ALA A 40 6.69 7.25 -2.29
C ALA A 40 5.65 7.65 -3.33
N LYS A 41 6.04 7.59 -4.59
CA LYS A 41 5.14 7.92 -5.69
C LYS A 41 3.91 7.02 -5.64
N ALA A 42 4.12 5.76 -5.28
CA ALA A 42 3.04 4.80 -5.19
C ALA A 42 2.07 5.19 -4.08
N ILE A 43 2.64 5.65 -2.96
CA ILE A 43 1.84 6.08 -1.82
C ILE A 43 0.98 7.28 -2.19
N ASN A 44 1.53 8.16 -3.01
CA ASN A 44 0.80 9.35 -3.46
C ASN A 44 -0.48 8.93 -4.17
N ALA A 45 -0.40 7.80 -4.86
CA ALA A 45 -1.56 7.26 -5.58
C ALA A 45 -2.65 6.86 -4.60
N LEU A 46 -2.25 6.18 -3.53
CA LEU A 46 -3.19 5.75 -2.50
C LEU A 46 -3.65 6.95 -1.66
N LYS A 47 -2.86 8.02 -1.72
CA LYS A 47 -3.17 9.24 -0.97
C LYS A 47 -4.48 9.84 -1.45
N SER A 48 -4.87 9.50 -2.67
CA SER A 48 -6.12 10.00 -3.24
C SER A 48 -7.14 8.87 -3.34
N PHE A 49 -6.68 7.71 -3.79
CA PHE A 49 -7.55 6.53 -3.92
C PHE A 49 -8.12 6.14 -2.55
N HIS A 50 -9.27 5.48 -2.57
CA HIS A 50 -9.92 5.05 -1.33
C HIS A 50 -8.94 4.29 -0.44
N LYS A 51 -8.54 3.10 -0.90
CA LYS A 51 -7.59 2.20 -0.20
C LYS A 51 -8.07 0.75 -0.23
N PRO A 52 -9.33 0.49 0.17
CA PRO A 52 -9.89 -0.87 0.19
C PRO A 52 -9.60 -1.62 -1.11
N VAL A 53 -8.56 -2.45 -1.09
CA VAL A 53 -8.16 -3.21 -2.26
C VAL A 53 -8.97 -4.50 -2.37
N THR A 54 -9.33 -4.84 -3.60
CA THR A 54 -10.10 -6.05 -3.88
C THR A 54 -9.26 -7.07 -4.63
N SER A 55 -8.32 -6.57 -5.42
CA SER A 55 -7.43 -7.42 -6.20
C SER A 55 -6.20 -6.64 -6.67
N TYR A 56 -5.12 -7.36 -6.93
CA TYR A 56 -3.87 -6.74 -7.38
C TYR A 56 -4.06 -5.99 -8.69
N GLN A 57 -4.98 -6.48 -9.52
CA GLN A 57 -5.26 -5.84 -10.81
C GLN A 57 -5.98 -4.52 -10.62
N GLU A 58 -6.89 -4.49 -9.64
CA GLU A 58 -7.65 -3.27 -9.36
C GLU A 58 -6.72 -2.17 -8.86
N ALA A 59 -5.68 -2.55 -8.15
CA ALA A 59 -4.71 -1.60 -7.62
C ALA A 59 -3.79 -1.11 -8.72
N CYS A 60 -3.45 -2.00 -9.64
CA CYS A 60 -2.57 -1.67 -10.76
C CYS A 60 -3.28 -0.71 -11.72
N SER A 61 -4.61 -0.74 -11.69
CA SER A 61 -5.41 0.13 -12.55
C SER A 61 -5.11 1.60 -12.27
N ILE A 62 -4.67 1.88 -11.05
CA ILE A 62 -4.33 3.24 -10.65
C ILE A 62 -3.14 3.77 -11.47
N PRO A 63 -3.25 4.99 -12.03
CA PRO A 63 -2.19 5.60 -12.84
C PRO A 63 -0.93 5.91 -12.04
N GLY A 64 -0.90 5.48 -10.78
CA GLY A 64 0.26 5.74 -9.94
C GLY A 64 0.86 4.48 -9.38
N ILE A 65 0.34 3.33 -9.79
CA ILE A 65 0.84 2.04 -9.31
C ILE A 65 0.96 1.04 -10.47
N GLY A 66 2.05 0.28 -10.47
CA GLY A 66 2.26 -0.71 -11.51
C GLY A 66 1.85 -2.10 -11.09
N LYS A 67 2.37 -3.11 -11.80
CA LYS A 67 2.06 -4.50 -11.50
C LYS A 67 2.88 -5.00 -10.31
N ARG A 68 4.17 -4.68 -10.31
CA ARG A 68 5.06 -5.10 -9.23
C ARG A 68 4.54 -4.61 -7.89
N MET A 69 4.13 -3.34 -7.85
CA MET A 69 3.61 -2.74 -6.63
C MET A 69 2.23 -3.31 -6.31
N ALA A 70 1.49 -3.68 -7.36
CA ALA A 70 0.16 -4.24 -7.20
C ALA A 70 0.20 -5.43 -6.25
N GLU A 71 1.01 -6.43 -6.59
CA GLU A 71 1.14 -7.63 -5.76
C GLU A 71 1.68 -7.26 -4.39
N LYS A 72 2.50 -6.20 -4.35
CA LYS A 72 3.07 -5.74 -3.09
C LYS A 72 1.98 -5.32 -2.12
N ILE A 73 1.00 -4.58 -2.64
CA ILE A 73 -0.12 -4.12 -1.82
C ILE A 73 -0.91 -5.30 -1.28
N ILE A 74 -1.07 -6.33 -2.11
CA ILE A 74 -1.81 -7.53 -1.73
C ILE A 74 -1.12 -8.22 -0.55
N GLU A 75 0.20 -8.21 -0.54
CA GLU A 75 0.96 -8.84 0.53
C GLU A 75 0.63 -8.18 1.87
N ILE A 76 0.48 -6.86 1.85
CA ILE A 76 0.17 -6.10 3.05
C ILE A 76 -1.18 -6.55 3.61
N LEU A 77 -2.09 -6.93 2.72
CA LEU A 77 -3.41 -7.39 3.11
C LEU A 77 -3.37 -8.86 3.50
N GLU A 78 -2.29 -9.54 3.13
CA GLU A 78 -2.12 -10.95 3.44
C GLU A 78 -1.49 -11.14 4.81
N SER A 79 -0.18 -10.92 4.90
CA SER A 79 0.56 -11.06 6.14
C SER A 79 0.38 -12.47 6.73
N GLY A 80 -0.06 -13.39 5.90
CA GLY A 80 -0.27 -14.76 6.35
C GLY A 80 0.96 -15.63 6.15
N HIS A 81 1.91 -15.16 5.35
CA HIS A 81 3.13 -15.90 5.09
C HIS A 81 4.02 -15.94 6.31
N LEU A 82 5.15 -16.64 6.21
CA LEU A 82 6.09 -16.75 7.32
C LEU A 82 7.51 -16.43 6.87
N ARG A 83 8.03 -17.25 5.97
CA ARG A 83 9.39 -17.05 5.45
C ARG A 83 9.37 -16.70 3.96
N LYS A 84 9.33 -15.40 3.67
CA LYS A 84 9.31 -14.94 2.29
C LYS A 84 10.73 -14.64 1.80
N LEU A 85 11.30 -15.57 1.02
CA LEU A 85 12.64 -15.41 0.51
C LEU A 85 12.63 -15.16 -1.00
N ASP A 86 13.40 -14.17 -1.43
CA ASP A 86 13.47 -13.83 -2.85
C ASP A 86 14.52 -14.68 -3.57
N HIS A 87 14.12 -15.29 -4.68
CA HIS A 87 15.03 -16.14 -5.44
C HIS A 87 15.18 -15.61 -6.87
N ALA A 2 -10.41 2.39 21.16
CA ALA A 2 -11.16 2.86 19.99
C ALA A 2 -11.97 4.11 20.33
N GLN A 3 -11.34 5.27 20.17
CA GLN A 3 -11.99 6.54 20.45
C GLN A 3 -12.72 7.08 19.21
N PRO A 4 -12.04 7.18 18.05
CA PRO A 4 -12.65 7.68 16.83
C PRO A 4 -13.52 6.63 16.14
N SER A 5 -13.17 6.28 14.90
CA SER A 5 -13.91 5.29 14.13
C SER A 5 -15.38 5.69 13.97
N SER A 6 -15.67 6.43 12.91
CA SER A 6 -17.03 6.89 12.64
C SER A 6 -17.52 6.33 11.31
N GLN A 7 -18.76 5.86 11.30
CA GLN A 7 -19.35 5.30 10.09
C GLN A 7 -19.92 6.40 9.20
N LYS A 8 -19.05 7.31 8.77
CA LYS A 8 -19.46 8.41 7.91
C LYS A 8 -18.56 8.51 6.68
N ALA A 9 -18.59 9.66 6.02
CA ALA A 9 -17.78 9.89 4.83
C ALA A 9 -16.29 9.97 5.19
N THR A 10 -15.57 8.89 4.95
CA THR A 10 -14.15 8.83 5.24
C THR A 10 -13.51 7.60 4.59
N ASN A 11 -12.17 7.53 4.63
CA ASN A 11 -11.44 6.41 4.05
C ASN A 11 -11.87 5.09 4.68
N HIS A 12 -11.36 3.99 4.15
CA HIS A 12 -11.70 2.66 4.67
C HIS A 12 -10.45 1.84 4.99
N ASN A 13 -9.32 2.20 4.39
CA ASN A 13 -8.08 1.47 4.61
C ASN A 13 -7.18 2.18 5.61
N LEU A 14 -6.44 3.19 5.13
CA LEU A 14 -5.54 3.96 5.96
C LEU A 14 -4.48 3.10 6.65
N HIS A 15 -4.55 1.79 6.44
CA HIS A 15 -3.59 0.87 7.04
C HIS A 15 -2.42 0.62 6.10
N ILE A 16 -2.73 0.18 4.88
CA ILE A 16 -1.70 -0.10 3.88
C ILE A 16 -0.97 1.18 3.47
N THR A 17 -1.67 2.30 3.53
CA THR A 17 -1.08 3.59 3.17
C THR A 17 -0.08 4.05 4.22
N GLU A 18 -0.51 4.05 5.48
CA GLU A 18 0.35 4.47 6.58
C GLU A 18 1.58 3.58 6.68
N LYS A 19 1.43 2.31 6.34
CA LYS A 19 2.52 1.35 6.37
C LYS A 19 3.44 1.54 5.16
N LEU A 20 2.84 1.75 3.99
CA LEU A 20 3.64 1.95 2.79
C LEU A 20 4.60 3.10 3.01
N GLU A 21 4.27 3.96 3.97
CA GLU A 21 5.09 5.09 4.32
C GLU A 21 6.20 4.68 5.28
N VAL A 22 5.87 3.80 6.23
CA VAL A 22 6.83 3.32 7.20
C VAL A 22 8.04 2.69 6.52
N LEU A 23 7.76 1.83 5.55
CA LEU A 23 8.80 1.15 4.80
C LEU A 23 9.54 2.14 3.90
N ALA A 24 8.78 3.09 3.34
CA ALA A 24 9.36 4.11 2.48
C ALA A 24 10.42 4.91 3.21
N LYS A 25 10.16 5.16 4.50
CA LYS A 25 11.10 5.91 5.33
C LYS A 25 12.35 5.08 5.60
N ALA A 26 12.18 3.75 5.68
CA ALA A 26 13.28 2.85 5.92
C ALA A 26 14.32 2.93 4.81
N TYR A 27 13.82 2.92 3.57
CA TYR A 27 14.70 3.00 2.41
C TYR A 27 15.39 4.37 2.35
N SER A 28 14.61 5.42 2.56
CA SER A 28 15.13 6.78 2.54
C SER A 28 16.32 6.92 3.49
N VAL A 29 16.26 6.20 4.60
CA VAL A 29 17.34 6.25 5.60
C VAL A 29 18.55 5.44 5.11
N GLN A 30 18.28 4.29 4.50
CA GLN A 30 19.34 3.43 3.99
C GLN A 30 20.03 4.07 2.80
N GLY A 31 19.41 5.10 2.23
CA GLY A 31 19.97 5.77 1.09
C GLY A 31 19.48 5.21 -0.23
N ASP A 32 18.19 4.86 -0.28
CA ASP A 32 17.60 4.29 -1.47
C ASP A 32 16.73 5.32 -2.18
N LYS A 33 17.36 6.14 -3.03
CA LYS A 33 16.65 7.17 -3.77
C LYS A 33 15.68 6.56 -4.79
N TRP A 34 16.12 5.49 -5.44
CA TRP A 34 15.30 4.81 -6.44
C TRP A 34 14.13 4.08 -5.78
N ARG A 35 14.44 3.24 -4.80
CA ARG A 35 13.42 2.46 -4.10
C ARG A 35 12.38 3.37 -3.47
N ALA A 36 12.83 4.35 -2.69
CA ALA A 36 11.94 5.28 -2.02
C ALA A 36 11.14 6.09 -3.02
N LEU A 37 11.65 6.20 -4.24
CA LEU A 37 10.97 6.95 -5.29
C LEU A 37 9.74 6.21 -5.79
N GLY A 38 9.90 4.91 -6.05
CA GLY A 38 8.79 4.10 -6.52
C GLY A 38 7.79 3.82 -5.43
N TYR A 39 8.28 3.69 -4.20
CA TYR A 39 7.41 3.41 -3.05
C TYR A 39 6.54 4.62 -2.73
N ALA A 40 7.17 5.76 -2.51
CA ALA A 40 6.45 6.98 -2.20
C ALA A 40 5.48 7.33 -3.33
N LYS A 41 5.88 7.06 -4.56
CA LYS A 41 5.05 7.32 -5.71
C LYS A 41 3.74 6.55 -5.62
N ALA A 42 3.83 5.30 -5.17
CA ALA A 42 2.66 4.46 -5.01
C ALA A 42 1.75 5.02 -3.94
N ILE A 43 2.35 5.54 -2.87
CA ILE A 43 1.59 6.13 -1.77
C ILE A 43 0.84 7.36 -2.26
N ASN A 44 1.44 8.08 -3.20
CA ASN A 44 0.82 9.28 -3.76
C ASN A 44 -0.46 8.91 -4.51
N ALA A 45 -0.46 7.74 -5.12
CA ALA A 45 -1.62 7.26 -5.85
C ALA A 45 -2.76 6.92 -4.90
N LEU A 46 -2.41 6.28 -3.78
CA LEU A 46 -3.39 5.91 -2.78
C LEU A 46 -3.90 7.13 -2.02
N LYS A 47 -3.11 8.22 -2.09
CA LYS A 47 -3.46 9.45 -1.42
C LYS A 47 -4.74 10.04 -2.01
N SER A 48 -5.11 9.57 -3.20
CA SER A 48 -6.31 10.05 -3.87
C SER A 48 -7.33 8.93 -4.00
N PHE A 49 -6.93 7.72 -3.64
CA PHE A 49 -7.81 6.55 -3.71
C PHE A 49 -8.87 6.61 -2.61
N HIS A 50 -10.14 6.59 -3.03
CA HIS A 50 -11.26 6.64 -2.09
C HIS A 50 -11.72 5.24 -1.71
N LYS A 51 -11.99 4.41 -2.72
CA LYS A 51 -12.44 3.05 -2.50
C LYS A 51 -11.30 2.17 -1.97
N PRO A 52 -11.62 1.15 -1.14
CA PRO A 52 -10.61 0.25 -0.58
C PRO A 52 -9.96 -0.62 -1.65
N VAL A 53 -9.12 -1.56 -1.20
CA VAL A 53 -8.42 -2.46 -2.12
C VAL A 53 -8.88 -3.90 -1.91
N THR A 54 -8.78 -4.70 -2.97
CA THR A 54 -9.19 -6.11 -2.90
C THR A 54 -8.21 -7.00 -3.64
N SER A 55 -7.72 -6.55 -4.79
CA SER A 55 -6.79 -7.33 -5.58
C SER A 55 -5.63 -6.45 -6.09
N TYR A 56 -4.57 -7.11 -6.55
CA TYR A 56 -3.40 -6.42 -7.07
C TYR A 56 -3.72 -5.66 -8.36
N GLN A 57 -4.55 -6.28 -9.20
CA GLN A 57 -4.94 -5.65 -10.46
C GLN A 57 -5.74 -4.38 -10.22
N GLU A 58 -6.64 -4.43 -9.24
CA GLU A 58 -7.46 -3.29 -8.89
C GLU A 58 -6.60 -2.14 -8.36
N ALA A 59 -5.47 -2.49 -7.77
CA ALA A 59 -4.55 -1.49 -7.22
C ALA A 59 -3.68 -0.90 -8.33
N CYS A 60 -3.30 -1.73 -9.28
CA CYS A 60 -2.46 -1.29 -10.39
C CYS A 60 -3.24 -0.37 -11.33
N SER A 61 -4.56 -0.43 -11.24
CA SER A 61 -5.43 0.40 -12.07
C SER A 61 -5.27 1.88 -11.73
N ILE A 62 -4.68 2.15 -10.56
CA ILE A 62 -4.47 3.52 -10.11
C ILE A 62 -3.17 4.10 -10.67
N PRO A 63 -3.23 5.26 -11.34
CA PRO A 63 -2.04 5.90 -11.93
C PRO A 63 -0.98 6.19 -10.87
N GLY A 64 0.28 5.94 -11.22
CA GLY A 64 1.37 6.19 -10.29
C GLY A 64 1.94 4.91 -9.71
N ILE A 65 1.28 3.80 -10.00
CA ILE A 65 1.72 2.50 -9.51
C ILE A 65 2.07 1.57 -10.67
N GLY A 66 2.30 0.29 -10.36
CA GLY A 66 2.63 -0.67 -11.39
C GLY A 66 2.28 -2.10 -11.01
N LYS A 67 2.89 -3.05 -11.70
CA LYS A 67 2.64 -4.47 -11.43
C LYS A 67 3.38 -4.93 -10.18
N ARG A 68 4.68 -4.64 -10.14
CA ARG A 68 5.52 -5.03 -9.00
C ARG A 68 4.96 -4.44 -7.71
N MET A 69 4.50 -3.20 -7.77
CA MET A 69 3.94 -2.53 -6.60
C MET A 69 2.58 -3.11 -6.26
N ALA A 70 1.81 -3.45 -7.28
CA ALA A 70 0.48 -4.02 -7.08
C ALA A 70 0.55 -5.25 -6.17
N GLU A 71 1.35 -6.22 -6.55
CA GLU A 71 1.51 -7.45 -5.77
C GLU A 71 2.13 -7.11 -4.42
N LYS A 72 2.90 -6.02 -4.37
CA LYS A 72 3.54 -5.59 -3.13
C LYS A 72 2.49 -5.22 -2.10
N ILE A 73 1.45 -4.51 -2.55
CA ILE A 73 0.36 -4.10 -1.68
C ILE A 73 -0.37 -5.32 -1.12
N ILE A 74 -0.66 -6.28 -2.00
CA ILE A 74 -1.34 -7.50 -1.59
C ILE A 74 -0.53 -8.27 -0.57
N GLU A 75 0.80 -8.24 -0.72
CA GLU A 75 1.70 -8.93 0.18
C GLU A 75 1.56 -8.37 1.60
N ILE A 76 1.43 -7.06 1.70
CA ILE A 76 1.28 -6.39 2.99
C ILE A 76 -0.06 -6.77 3.63
N LEU A 77 -1.01 -7.15 2.79
CA LEU A 77 -2.33 -7.55 3.27
C LEU A 77 -2.32 -9.01 3.70
N GLU A 78 -1.30 -9.73 3.26
CA GLU A 78 -1.15 -11.14 3.58
C GLU A 78 -0.25 -11.34 4.79
N SER A 79 -0.02 -10.24 5.52
CA SER A 79 0.83 -10.26 6.71
C SER A 79 2.26 -10.64 6.37
N GLY A 80 2.58 -10.60 5.07
CA GLY A 80 3.92 -10.94 4.63
C GLY A 80 3.99 -12.30 3.98
N HIS A 81 3.52 -13.32 4.70
CA HIS A 81 3.54 -14.68 4.18
C HIS A 81 2.34 -15.47 4.70
N LEU A 82 2.39 -15.85 5.98
CA LEU A 82 1.30 -16.59 6.60
C LEU A 82 0.88 -15.94 7.91
N ARG A 83 1.73 -16.06 8.93
CA ARG A 83 1.44 -15.48 10.23
C ARG A 83 2.20 -14.17 10.42
N LYS A 84 1.70 -13.33 11.32
CA LYS A 84 2.32 -12.04 11.60
C LYS A 84 3.42 -12.19 12.64
N LEU A 85 4.46 -11.36 12.52
CA LEU A 85 5.57 -11.38 13.45
C LEU A 85 5.79 -10.01 14.07
N ASP A 86 6.32 -9.99 15.29
CA ASP A 86 6.57 -8.74 16.00
C ASP A 86 8.06 -8.38 15.97
N HIS A 87 8.44 -7.56 14.98
CA HIS A 87 9.83 -7.14 14.85
C HIS A 87 10.27 -6.30 16.04
#